data_5FYC
#
_entry.id   5FYC
#
_cell.length_a   101.650
_cell.length_b   149.440
_cell.length_c   57.280
_cell.angle_alpha   90.00
_cell.angle_beta   90.00
_cell.angle_gamma   90.00
#
_symmetry.space_group_name_H-M   'P 21 21 2'
#
loop_
_entity.id
_entity.type
_entity.pdbx_description
1 polymer 'LYSINE-SPECIFIC DEMETHYLASE 4A'
2 non-polymer 'NICKEL (II) ION'
3 non-polymer 'ZINC ION'
4 non-polymer 'FUMARIC ACID'
5 non-polymer 1,2-ETHANEDIOL
6 non-polymer 'SULFATE ION'
7 water water
#
_entity_poly.entity_id   1
_entity_poly.type   'polypeptide(L)'
_entity_poly.pdbx_seq_one_letter_code
;MHHHHHHSSGVDLGTENLYFQSMASESETLNPSARIMTFYPTMEEFRNFSRYIAYIESQGAHRAGLAKVVPPKEWKPRAS
YDDIDDLVIPAPIQQLVTGQSGLFTQYNIQKKAMTVREFRKIANSDKYCTPRYSEFEELERKYWKNLTFNPPIYGADVNG
TLYEKHVDEWNIGRLRTILDLVEKESGITIEGVNTPYLYFGMWKTSFAWHTEDMDLYSINYLHFGEPKSWYSVPPEHGKR
LERLAKGFFPGSAQSCEAFLRHKMTLISPLMLKKYGIPFDKVTQEAGEFMITFPYGYHAGFNHGFNCAESTNFATRRWIE
YGKQAVLCSCRKDMVKISMDVFVRKFQPERYKLWKAGKDNTVIDHTLPTPEAAEFLKESEL
;
_entity_poly.pdbx_strand_id   A,B
#
loop_
_chem_comp.id
_chem_comp.type
_chem_comp.name
_chem_comp.formula
EDO non-polymer 1,2-ETHANEDIOL 'C2 H6 O2'
FUM non-polymer 'FUMARIC ACID' 'C4 H4 O4'
NI non-polymer 'NICKEL (II) ION' 'Ni 2'
SO4 non-polymer 'SULFATE ION' 'O4 S -2'
ZN non-polymer 'ZINC ION' 'Zn 2'
#
# COMPACT_ATOMS: atom_id res chain seq x y z
C LEU A 30 16.03 10.40 -1.45
N ASN A 31 16.14 10.35 -0.12
CA ASN A 31 15.04 9.89 0.71
C ASN A 31 14.41 8.67 0.04
N PRO A 32 15.15 7.56 -0.04
CA PRO A 32 14.61 6.36 -0.71
C PRO A 32 13.51 5.68 0.11
N SER A 33 13.41 6.06 1.39
CA SER A 33 12.37 5.57 2.28
C SER A 33 11.11 6.41 2.19
N ALA A 34 11.20 7.53 1.46
CA ALA A 34 10.09 8.47 1.29
C ALA A 34 9.51 8.87 2.64
N ARG A 35 10.38 9.20 3.59
CA ARG A 35 9.96 9.57 4.94
C ARG A 35 9.80 11.06 5.16
N ILE A 36 8.92 11.44 6.07
CA ILE A 36 8.71 12.84 6.36
C ILE A 36 10.00 13.41 6.96
N MET A 37 10.60 14.40 6.30
CA MET A 37 11.84 15.00 6.80
C MET A 37 11.58 16.30 7.55
N THR A 38 12.51 16.64 8.45
CA THR A 38 12.40 17.84 9.25
C THR A 38 13.64 18.73 9.07
N PHE A 39 13.41 20.02 8.84
CA PHE A 39 14.49 20.95 8.51
C PHE A 39 14.55 22.14 9.45
N TYR A 40 15.77 22.56 9.72
CA TYR A 40 16.02 23.68 10.62
C TYR A 40 16.87 24.71 9.87
N PRO A 41 16.21 25.52 9.04
CA PRO A 41 16.99 26.49 8.27
C PRO A 41 17.52 27.57 9.19
N THR A 42 18.72 28.05 8.89
CA THR A 42 19.24 29.24 9.55
C THR A 42 18.45 30.45 9.07
N MET A 43 18.67 31.59 9.69
CA MET A 43 17.96 32.80 9.27
C MET A 43 18.31 33.22 7.85
N GLU A 44 19.56 32.99 7.44
CA GLU A 44 19.98 33.33 6.08
C GLU A 44 19.26 32.48 5.06
N GLU A 45 19.10 31.19 5.37
CA GLU A 45 18.42 30.26 4.48
C GLU A 45 16.92 30.55 4.42
N PHE A 46 16.39 31.06 5.53
CA PHE A 46 14.96 31.27 5.69
C PHE A 46 14.42 32.41 4.83
N ARG A 47 15.29 33.32 4.43
CA ARG A 47 14.86 34.57 3.80
C ARG A 47 14.31 34.38 2.38
N ASN A 48 14.88 33.42 1.63
CA ASN A 48 14.40 33.15 0.28
C ASN A 48 13.54 31.89 0.24
N PHE A 49 12.23 32.09 0.21
CA PHE A 49 11.27 30.98 0.31
C PHE A 49 11.47 29.95 -0.79
N SER A 50 11.36 30.38 -2.03
CA SER A 50 11.50 29.48 -3.17
C SER A 50 12.84 28.76 -3.21
N ARG A 51 13.89 29.43 -2.75
CA ARG A 51 15.22 28.84 -2.74
C ARG A 51 15.23 27.65 -1.77
N TYR A 52 14.70 27.87 -0.57
CA TYR A 52 14.71 26.80 0.42
C TYR A 52 13.80 25.63 0.03
N ILE A 53 12.63 25.90 -0.55
CA ILE A 53 11.80 24.80 -1.04
C ILE A 53 12.59 24.02 -2.08
N ALA A 54 13.27 24.73 -2.97
CA ALA A 54 14.11 24.06 -3.96
C ALA A 54 15.21 23.26 -3.25
N TYR A 55 15.70 23.77 -2.13
CA TYR A 55 16.72 23.06 -1.37
C TYR A 55 16.23 21.74 -0.73
N ILE A 56 15.13 21.80 0.01
CA ILE A 56 14.64 20.59 0.68
C ILE A 56 14.27 19.51 -0.33
N GLU A 57 13.88 19.92 -1.53
CA GLU A 57 13.67 18.98 -2.62
C GLU A 57 14.98 18.36 -3.11
N SER A 58 16.08 19.10 -2.99
CA SER A 58 17.38 18.55 -3.41
C SER A 58 17.84 17.51 -2.38
N GLN A 59 17.20 17.55 -1.21
CA GLN A 59 17.44 16.58 -0.15
C GLN A 59 16.40 15.47 -0.14
N GLY A 60 15.52 15.43 -1.14
CA GLY A 60 14.54 14.37 -1.29
C GLY A 60 13.24 14.49 -0.48
N ALA A 61 13.05 15.62 0.17
CA ALA A 61 11.87 15.86 1.01
C ALA A 61 10.54 15.61 0.30
N HIS A 62 10.47 15.94 -0.99
CA HIS A 62 9.18 15.91 -1.69
C HIS A 62 8.63 14.50 -1.77
N ARG A 63 9.51 13.51 -1.65
CA ARG A 63 9.15 12.11 -1.84
C ARG A 63 8.20 11.62 -0.77
N ALA A 64 8.23 12.26 0.40
CA ALA A 64 7.30 11.86 1.45
C ALA A 64 5.90 12.49 1.25
N GLY A 65 5.81 13.53 0.42
CA GLY A 65 4.59 14.28 0.20
C GLY A 65 4.43 15.40 1.21
N LEU A 66 5.21 15.34 2.28
CA LEU A 66 5.01 16.24 3.38
C LEU A 66 6.34 16.47 4.12
N ALA A 67 6.62 17.71 4.49
CA ALA A 67 7.84 18.01 5.24
C ALA A 67 7.59 19.07 6.30
N LYS A 68 8.36 19.00 7.39
CA LYS A 68 8.22 19.99 8.43
C LYS A 68 9.37 20.98 8.35
N VAL A 69 9.07 22.26 8.49
CA VAL A 69 10.14 23.23 8.55
C VAL A 69 10.05 24.03 9.82
N VAL A 70 11.07 23.88 10.66
CA VAL A 70 11.07 24.62 11.92
C VAL A 70 11.80 25.93 11.67
N PRO A 71 11.11 27.05 11.89
CA PRO A 71 11.75 28.34 11.62
C PRO A 71 12.73 28.73 12.73
N PRO A 72 13.72 29.57 12.40
CA PRO A 72 14.66 30.12 13.40
C PRO A 72 13.91 30.74 14.58
N LYS A 73 14.46 30.57 15.78
CA LYS A 73 13.81 31.01 17.02
C LYS A 73 13.63 32.53 17.06
N GLU A 74 14.57 33.23 16.44
CA GLU A 74 14.51 34.67 16.24
C GLU A 74 13.18 35.12 15.61
N TRP A 75 12.79 34.40 14.57
CA TRP A 75 11.67 34.79 13.73
C TRP A 75 10.31 34.70 14.43
N LYS A 76 9.43 35.65 14.13
CA LYS A 76 8.05 35.59 14.58
C LYS A 76 7.16 36.40 13.62
N PRO A 77 6.00 35.84 13.25
CA PRO A 77 5.08 36.44 12.27
C PRO A 77 4.17 37.51 12.88
N ARG A 78 4.03 37.47 14.20
N ARG A 78 4.04 37.47 14.19
CA ARG A 78 3.19 38.42 14.91
CA ARG A 78 3.21 38.42 14.91
C ARG A 78 3.72 38.58 16.34
C ARG A 78 3.80 38.60 16.31
N ALA A 79 3.68 39.80 16.85
CA ALA A 79 4.20 40.06 18.18
C ALA A 79 3.31 39.42 19.23
N SER A 80 2.00 39.56 19.08
CA SER A 80 1.07 39.03 20.10
C SER A 80 -0.30 38.66 19.54
N TYR A 81 -0.86 37.56 20.06
CA TYR A 81 -2.15 37.07 19.61
C TYR A 81 -3.24 37.35 20.65
N ASP A 82 -3.24 38.55 21.23
CA ASP A 82 -4.26 38.90 22.23
C ASP A 82 -5.30 39.83 21.62
N ASP A 83 -5.03 40.26 20.39
CA ASP A 83 -5.87 41.24 19.74
C ASP A 83 -6.87 40.57 18.78
N ILE A 84 -7.05 39.24 18.91
CA ILE A 84 -7.86 38.55 17.92
C ILE A 84 -9.13 37.90 18.44
N ASP A 85 -9.45 38.09 19.72
CA ASP A 85 -10.62 37.45 20.31
C ASP A 85 -11.96 37.91 19.70
N ASP A 86 -11.95 39.04 19.00
CA ASP A 86 -13.18 39.57 18.43
C ASP A 86 -13.31 39.37 16.91
N LEU A 87 -12.29 38.75 16.32
CA LEU A 87 -12.33 38.39 14.91
C LEU A 87 -13.45 37.38 14.65
N VAL A 88 -14.19 37.58 13.56
CA VAL A 88 -15.35 36.76 13.25
C VAL A 88 -15.03 35.49 12.44
N ILE A 89 -15.56 34.35 12.88
CA ILE A 89 -15.60 33.12 12.09
C ILE A 89 -16.97 33.01 11.44
N PRO A 90 -17.08 33.40 10.17
CA PRO A 90 -18.36 33.60 9.47
C PRO A 90 -19.18 32.32 9.30
N ALA A 91 -18.50 31.19 9.17
CA ALA A 91 -19.14 29.94 8.82
C ALA A 91 -18.51 28.78 9.56
N PRO A 92 -18.72 28.71 10.88
CA PRO A 92 -18.16 27.57 11.60
C PRO A 92 -18.82 26.28 11.11
N ILE A 93 -18.05 25.19 11.11
CA ILE A 93 -18.52 23.93 10.55
C ILE A 93 -18.59 22.86 11.62
N GLN A 94 -19.79 22.31 11.83
CA GLN A 94 -19.92 21.16 12.72
C GLN A 94 -19.65 19.85 11.94
N GLN A 95 -18.71 19.05 12.44
CA GLN A 95 -18.26 17.88 11.69
C GLN A 95 -18.90 16.59 12.14
N LEU A 96 -19.93 16.17 11.42
CA LEU A 96 -20.50 14.85 11.65
C LEU A 96 -19.79 13.78 10.87
N VAL A 97 -19.44 12.69 11.56
CA VAL A 97 -18.70 11.61 10.95
C VAL A 97 -19.45 10.30 11.14
N THR A 98 -19.67 9.62 10.01
CA THR A 98 -20.34 8.33 9.96
C THR A 98 -19.40 7.27 9.39
N GLY A 99 -19.40 6.09 10.00
CA GLY A 99 -18.58 4.99 9.52
C GLY A 99 -18.21 3.98 10.59
N GLN A 100 -17.31 3.06 10.24
CA GLN A 100 -16.87 1.98 11.13
C GLN A 100 -15.62 1.34 10.52
N SER A 101 -14.89 0.56 11.29
CA SER A 101 -13.76 -0.23 10.77
C SER A 101 -12.73 0.59 10.00
N GLY A 102 -12.39 1.78 10.48
CA GLY A 102 -11.37 2.60 9.86
C GLY A 102 -11.77 3.38 8.61
N LEU A 103 -13.01 3.23 8.17
CA LEU A 103 -13.50 3.97 6.99
C LEU A 103 -14.67 4.89 7.36
N PHE A 104 -14.54 6.17 7.07
CA PHE A 104 -15.53 7.16 7.49
C PHE A 104 -15.82 8.20 6.43
N THR A 105 -17.02 8.76 6.49
CA THR A 105 -17.40 9.89 5.67
C THR A 105 -17.83 11.05 6.56
N GLN A 106 -17.28 12.22 6.29
CA GLN A 106 -17.50 13.39 7.13
C GLN A 106 -18.46 14.36 6.48
N TYR A 107 -19.54 14.66 7.18
CA TYR A 107 -20.57 15.59 6.67
C TYR A 107 -20.46 16.93 7.39
N ASN A 108 -20.53 18.02 6.62
CA ASN A 108 -20.43 19.37 7.18
C ASN A 108 -21.80 20.00 7.48
N ILE A 109 -21.95 20.50 8.69
CA ILE A 109 -23.13 21.26 9.07
C ILE A 109 -22.69 22.67 9.44
N GLN A 110 -23.16 23.65 8.69
CA GLN A 110 -22.75 25.01 8.94
C GLN A 110 -23.53 25.61 10.09
N LYS A 111 -22.80 26.17 11.04
CA LYS A 111 -23.36 26.82 12.20
C LYS A 111 -23.28 28.33 11.98
N LYS A 112 -24.03 29.11 12.77
CA LYS A 112 -24.04 30.57 12.65
C LYS A 112 -22.68 31.15 13.04
N ALA A 113 -22.42 32.39 12.61
CA ALA A 113 -21.13 33.05 12.85
C ALA A 113 -20.76 33.07 14.33
N MET A 114 -19.49 33.37 14.59
CA MET A 114 -18.97 33.19 15.92
C MET A 114 -17.66 33.95 16.04
N THR A 115 -17.31 34.38 17.24
CA THR A 115 -16.04 35.04 17.48
C THR A 115 -14.99 34.05 17.96
N VAL A 116 -13.73 34.41 17.79
CA VAL A 116 -12.64 33.61 18.33
C VAL A 116 -12.83 33.36 19.83
N ARG A 117 -13.24 34.40 20.57
CA ARG A 117 -13.56 34.20 21.98
C ARG A 117 -14.60 33.12 22.18
N GLU A 118 -15.73 33.25 21.49
CA GLU A 118 -16.80 32.27 21.63
C GLU A 118 -16.31 30.86 21.31
N PHE A 119 -15.55 30.74 20.23
CA PHE A 119 -15.06 29.45 19.77
C PHE A 119 -14.17 28.82 20.85
N ARG A 120 -13.20 29.58 21.33
CA ARG A 120 -12.30 29.10 22.38
C ARG A 120 -13.12 28.65 23.60
N LYS A 121 -14.16 29.42 23.93
CA LYS A 121 -15.02 29.08 25.05
C LYS A 121 -15.66 27.72 24.83
N ILE A 122 -16.25 27.52 23.65
CA ILE A 122 -16.79 26.21 23.32
C ILE A 122 -15.68 25.14 23.31
N ALA A 123 -14.55 25.45 22.69
CA ALA A 123 -13.44 24.51 22.53
C ALA A 123 -12.89 23.99 23.85
N ASN A 124 -12.82 24.87 24.84
CA ASN A 124 -12.21 24.54 26.12
C ASN A 124 -13.23 24.05 27.14
N SER A 125 -14.51 24.10 26.76
CA SER A 125 -15.58 23.58 27.60
C SER A 125 -15.34 22.10 27.88
N ASP A 126 -16.01 21.59 28.91
CA ASP A 126 -15.81 20.21 29.33
C ASP A 126 -16.30 19.23 28.26
N LYS A 127 -17.37 19.62 27.56
CA LYS A 127 -17.96 18.78 26.54
C LYS A 127 -16.99 18.52 25.38
N TYR A 128 -16.18 19.51 25.05
CA TYR A 128 -15.41 19.47 23.80
C TYR A 128 -13.90 19.43 23.94
N CYS A 129 -13.39 19.48 25.17
CA CYS A 129 -11.95 19.63 25.36
C CYS A 129 -11.17 18.33 25.22
N THR A 130 -9.86 18.48 25.08
CA THR A 130 -8.96 17.35 24.99
C THR A 130 -9.05 16.40 26.18
N PRO A 131 -9.10 15.09 25.91
CA PRO A 131 -8.96 14.14 27.01
C PRO A 131 -7.53 14.06 27.54
N ARG A 132 -7.36 13.53 28.75
CA ARG A 132 -6.05 13.37 29.34
C ARG A 132 -5.40 12.12 28.75
N TYR A 133 -4.08 12.14 28.56
CA TYR A 133 -3.37 11.02 27.96
C TYR A 133 -1.88 11.07 28.28
N SER A 134 -1.17 9.97 28.04
CA SER A 134 0.26 9.93 28.28
C SER A 134 1.08 10.13 26.99
N GLU A 135 1.15 9.10 26.15
CA GLU A 135 1.92 9.20 24.92
C GLU A 135 0.99 9.58 23.77
N PHE A 136 1.55 10.14 22.69
CA PHE A 136 0.75 10.53 21.52
C PHE A 136 -0.04 9.35 20.99
N GLU A 137 0.58 8.18 20.99
CA GLU A 137 -0.04 6.98 20.46
C GLU A 137 -1.41 6.73 21.08
N GLU A 138 -1.59 7.21 22.31
CA GLU A 138 -2.83 7.04 23.06
C GLU A 138 -3.91 8.03 22.61
N LEU A 139 -3.52 9.28 22.42
CA LEU A 139 -4.43 10.30 21.94
C LEU A 139 -4.93 9.93 20.54
N GLU A 140 -4.03 9.38 19.74
CA GLU A 140 -4.33 8.94 18.38
C GLU A 140 -5.39 7.85 18.38
N ARG A 141 -5.23 6.85 19.25
CA ARG A 141 -6.21 5.77 19.41
C ARG A 141 -7.59 6.28 19.81
N LYS A 142 -7.63 7.24 20.73
CA LYS A 142 -8.89 7.86 21.16
C LYS A 142 -9.54 8.61 20.03
N TYR A 143 -8.72 9.29 19.23
CA TYR A 143 -9.23 9.99 18.05
C TYR A 143 -9.99 9.02 17.16
N TRP A 144 -9.34 7.94 16.77
CA TRP A 144 -9.95 6.95 15.86
C TRP A 144 -11.07 6.14 16.50
N LYS A 145 -11.12 6.15 17.82
CA LYS A 145 -12.18 5.46 18.56
C LYS A 145 -13.43 6.35 18.73
N ASN A 146 -13.25 7.66 18.92
CA ASN A 146 -14.38 8.54 19.23
C ASN A 146 -14.74 9.53 18.12
N LEU A 147 -14.17 9.27 16.93
CA LEU A 147 -14.34 10.12 15.74
C LEU A 147 -15.80 10.44 15.41
N THR A 148 -16.67 9.44 15.59
CA THR A 148 -18.07 9.56 15.19
C THR A 148 -18.99 10.07 16.31
N PHE A 149 -18.46 10.25 17.51
CA PHE A 149 -19.25 10.71 18.66
C PHE A 149 -19.06 12.22 18.90
N ASN A 150 -20.05 12.89 19.51
CA ASN A 150 -19.89 14.26 19.99
C ASN A 150 -19.28 15.21 18.93
N PRO A 151 -20.00 15.43 17.82
CA PRO A 151 -19.42 16.15 16.68
C PRO A 151 -18.93 17.55 17.04
N PRO A 152 -17.63 17.82 16.79
CA PRO A 152 -16.95 19.08 17.11
C PRO A 152 -17.25 20.17 16.11
N ILE A 153 -16.75 21.36 16.38
CA ILE A 153 -16.93 22.47 15.46
C ILE A 153 -15.55 22.96 15.00
N TYR A 154 -15.42 23.24 13.70
CA TYR A 154 -14.15 23.66 13.13
C TYR A 154 -14.32 25.04 12.53
N GLY A 155 -13.46 25.96 12.95
CA GLY A 155 -13.48 27.32 12.45
C GLY A 155 -12.59 27.39 11.22
N ALA A 156 -13.05 26.75 10.15
CA ALA A 156 -12.22 26.50 8.99
C ALA A 156 -12.51 27.46 7.83
N ASP A 157 -11.54 27.60 6.95
CA ASP A 157 -11.67 28.41 5.73
C ASP A 157 -12.06 29.87 6.04
N VAL A 158 -11.40 30.44 7.04
CA VAL A 158 -11.63 31.84 7.36
C VAL A 158 -10.66 32.70 6.54
N ASN A 159 -11.20 33.54 5.67
CA ASN A 159 -10.36 34.44 4.89
C ASN A 159 -9.63 35.38 5.80
N GLY A 160 -8.31 35.45 5.66
CA GLY A 160 -7.53 36.34 6.49
C GLY A 160 -6.15 35.81 6.74
N THR A 161 -5.34 36.66 7.36
CA THR A 161 -3.98 36.34 7.72
C THR A 161 -3.69 36.88 9.12
N LEU A 162 -2.78 36.26 9.83
CA LEU A 162 -2.37 36.76 11.13
C LEU A 162 -0.92 37.29 11.11
N TYR A 163 -0.33 37.38 9.92
CA TYR A 163 1.01 37.92 9.78
C TYR A 163 0.99 39.44 9.97
N GLU A 164 2.02 39.96 10.65
CA GLU A 164 2.20 41.40 10.76
C GLU A 164 2.63 41.92 9.39
N LYS A 165 2.10 43.07 8.99
CA LYS A 165 2.27 43.63 7.64
C LYS A 165 3.69 43.64 7.08
N HIS A 166 4.70 43.62 7.95
CA HIS A 166 6.08 43.81 7.53
C HIS A 166 6.95 42.55 7.54
N VAL A 167 6.38 41.40 7.90
CA VAL A 167 7.15 40.16 7.87
C VAL A 167 7.40 39.76 6.40
N ASP A 168 8.66 39.73 5.99
CA ASP A 168 9.00 39.46 4.60
C ASP A 168 9.45 38.02 4.37
N GLU A 169 9.62 37.28 5.46
CA GLU A 169 10.07 35.90 5.37
C GLU A 169 8.88 34.94 5.55
N TRP A 170 8.67 34.08 4.57
CA TRP A 170 7.65 33.05 4.62
C TRP A 170 6.28 33.63 4.94
N ASN A 171 5.96 34.76 4.33
CA ASN A 171 4.67 35.41 4.55
C ASN A 171 3.63 34.78 3.64
N ILE A 172 2.68 34.08 4.25
CA ILE A 172 1.70 33.29 3.52
C ILE A 172 0.84 34.17 2.59
N GLY A 173 0.70 35.44 2.96
CA GLY A 173 -0.01 36.40 2.16
C GLY A 173 0.73 36.79 0.88
N ARG A 174 2.05 36.63 0.85
CA ARG A 174 2.81 37.06 -0.32
C ARG A 174 4.14 36.33 -0.48
N LEU A 175 4.06 35.03 -0.79
CA LEU A 175 5.22 34.16 -0.93
C LEU A 175 6.03 34.43 -2.22
N ARG A 176 5.39 35.06 -3.20
CA ARG A 176 6.02 35.46 -4.45
C ARG A 176 6.54 34.30 -5.30
N THR A 177 5.77 33.22 -5.39
CA THR A 177 6.11 32.12 -6.31
C THR A 177 5.38 32.31 -7.62
N ILE A 178 5.66 31.45 -8.59
CA ILE A 178 5.02 31.59 -9.90
C ILE A 178 3.51 31.33 -9.90
N LEU A 179 2.92 30.91 -8.78
CA LEU A 179 1.45 30.81 -8.74
C LEU A 179 0.86 32.22 -8.91
N ASP A 180 1.65 33.24 -8.63
CA ASP A 180 1.23 34.63 -8.80
C ASP A 180 0.89 34.96 -10.25
N LEU A 181 1.34 34.14 -11.19
CA LEU A 181 0.96 34.34 -12.59
C LEU A 181 -0.53 34.21 -12.85
N VAL A 182 -1.26 33.53 -11.98
CA VAL A 182 -2.69 33.37 -12.19
C VAL A 182 -3.39 34.72 -12.02
N GLU A 183 -3.12 35.39 -10.91
CA GLU A 183 -3.74 36.67 -10.64
C GLU A 183 -3.15 37.70 -11.62
N LYS A 184 -1.82 37.67 -11.77
CA LYS A 184 -1.10 38.65 -12.60
C LYS A 184 -1.65 38.68 -14.03
N GLU A 185 -1.86 37.49 -14.60
CA GLU A 185 -2.37 37.39 -15.97
C GLU A 185 -3.89 37.63 -16.10
N SER A 186 -4.69 37.12 -15.17
CA SER A 186 -6.13 37.13 -15.34
C SER A 186 -6.94 37.92 -14.32
N GLY A 187 -6.27 38.39 -13.26
CA GLY A 187 -6.96 39.07 -12.18
C GLY A 187 -7.77 38.12 -11.29
N ILE A 188 -7.67 36.81 -11.52
CA ILE A 188 -8.51 35.87 -10.77
C ILE A 188 -7.92 35.54 -9.42
N THR A 189 -8.74 35.66 -8.39
CA THR A 189 -8.38 35.21 -7.06
C THR A 189 -9.26 34.04 -6.70
N ILE A 190 -8.63 33.04 -6.08
CA ILE A 190 -9.29 31.83 -5.63
C ILE A 190 -9.01 31.72 -4.13
N GLU A 191 -10.04 31.92 -3.31
CA GLU A 191 -9.90 32.00 -1.87
C GLU A 191 -9.27 30.75 -1.29
N GLY A 192 -8.26 30.93 -0.44
CA GLY A 192 -7.52 29.82 0.14
C GLY A 192 -6.43 29.25 -0.74
N VAL A 193 -6.47 29.56 -2.03
CA VAL A 193 -5.53 28.95 -2.98
C VAL A 193 -4.41 29.94 -3.32
N ASN A 194 -4.74 31.12 -3.85
CA ASN A 194 -3.75 32.19 -3.95
C ASN A 194 -4.10 33.33 -3.01
N THR A 195 -4.92 33.05 -2.00
CA THR A 195 -5.15 33.94 -0.86
C THR A 195 -5.09 33.08 0.43
N PRO A 196 -4.84 33.70 1.60
CA PRO A 196 -4.68 32.87 2.81
C PRO A 196 -5.98 32.51 3.53
N TYR A 197 -5.95 31.36 4.22
CA TYR A 197 -7.06 30.91 5.06
C TYR A 197 -6.61 30.72 6.50
N LEU A 198 -7.55 30.86 7.44
CA LEU A 198 -7.23 30.63 8.84
C LEU A 198 -8.12 29.51 9.32
N TYR A 199 -7.58 28.67 10.20
CA TYR A 199 -8.28 27.50 10.69
C TYR A 199 -8.25 27.47 12.22
N PHE A 200 -9.40 27.67 12.84
CA PHE A 200 -9.49 27.54 14.29
C PHE A 200 -10.01 26.17 14.67
N GLY A 201 -9.16 25.35 15.28
CA GLY A 201 -9.56 24.00 15.61
C GLY A 201 -9.80 23.75 17.09
N MET A 202 -10.51 22.66 17.38
CA MET A 202 -10.61 22.13 18.73
C MET A 202 -10.32 20.64 18.60
N TRP A 203 -10.31 19.93 19.73
CA TRP A 203 -10.03 18.50 19.78
C TRP A 203 -10.94 17.74 18.85
N LYS A 204 -10.34 16.84 18.06
CA LYS A 204 -11.09 15.85 17.26
C LYS A 204 -11.68 16.48 15.98
N THR A 205 -11.36 17.75 15.72
CA THR A 205 -11.66 18.32 14.39
C THR A 205 -10.66 17.77 13.35
N SER A 206 -11.14 17.47 12.16
CA SER A 206 -10.35 16.68 11.22
C SER A 206 -10.18 17.32 9.85
N PHE A 207 -9.11 16.98 9.14
CA PHE A 207 -9.09 17.24 7.71
C PHE A 207 -8.91 15.92 6.96
N ALA A 208 -9.84 15.65 6.03
CA ALA A 208 -9.90 14.40 5.29
C ALA A 208 -8.75 14.27 4.31
N TRP A 209 -8.55 13.04 3.84
CA TRP A 209 -7.55 12.73 2.81
C TRP A 209 -7.77 13.48 1.51
N HIS A 210 -6.73 14.17 1.03
CA HIS A 210 -6.80 14.94 -0.19
C HIS A 210 -5.42 15.37 -0.66
N THR A 211 -5.32 15.66 -1.95
CA THR A 211 -4.24 16.52 -2.42
C THR A 211 -4.77 17.93 -2.63
N GLU A 212 -3.90 18.86 -3.00
CA GLU A 212 -4.34 20.24 -3.19
C GLU A 212 -5.06 20.39 -4.53
N ASP A 213 -5.85 21.47 -4.66
CA ASP A 213 -6.44 21.85 -5.94
C ASP A 213 -5.36 21.92 -7.02
N MET A 214 -5.60 21.32 -8.19
CA MET A 214 -4.61 21.28 -9.28
C MET A 214 -3.29 20.64 -8.85
N ASP A 215 -3.36 19.86 -7.77
CA ASP A 215 -2.22 19.19 -7.18
C ASP A 215 -1.06 20.16 -6.93
N LEU A 216 -1.40 21.35 -6.47
CA LEU A 216 -0.43 22.36 -6.07
C LEU A 216 0.30 21.96 -4.79
N TYR A 217 1.35 22.70 -4.44
CA TYR A 217 1.91 22.70 -3.10
C TYR A 217 1.00 23.39 -2.12
N SER A 218 1.24 23.14 -0.85
CA SER A 218 0.69 24.01 0.16
C SER A 218 1.69 24.27 1.28
N ILE A 219 1.42 25.31 2.05
CA ILE A 219 2.19 25.65 3.23
C ILE A 219 1.18 25.80 4.38
N ASN A 220 1.51 25.28 5.55
CA ASN A 220 0.61 25.40 6.69
C ASN A 220 1.39 25.86 7.93
N TYR A 221 1.01 26.99 8.49
CA TYR A 221 1.67 27.50 9.68
C TYR A 221 0.76 27.46 10.90
N LEU A 222 1.22 26.84 11.99
CA LEU A 222 0.43 26.74 13.21
C LEU A 222 0.80 27.91 14.13
N HIS A 223 -0.06 28.92 14.18
CA HIS A 223 0.24 30.13 14.94
C HIS A 223 0.37 29.83 16.42
N PHE A 224 -0.60 29.12 16.98
CA PHE A 224 -0.60 28.82 18.40
C PHE A 224 -1.54 27.67 18.76
N GLY A 225 -1.40 27.17 19.98
CA GLY A 225 -2.33 26.21 20.52
C GLY A 225 -1.75 24.82 20.51
N GLU A 226 -2.63 23.84 20.72
CA GLU A 226 -2.26 22.44 20.76
C GLU A 226 -1.83 21.91 19.40
N PRO A 227 -1.17 20.74 19.38
CA PRO A 227 -0.62 20.32 18.09
C PRO A 227 -1.66 19.94 17.04
N LYS A 228 -1.18 19.78 15.81
CA LYS A 228 -1.98 19.28 14.69
C LYS A 228 -1.20 18.07 14.16
N SER A 229 -1.82 16.90 14.14
CA SER A 229 -1.12 15.72 13.66
C SER A 229 -1.53 15.39 12.22
N TRP A 230 -0.57 14.87 11.46
CA TRP A 230 -0.69 14.67 10.03
C TRP A 230 -0.41 13.23 9.64
N TYR A 231 -1.12 12.75 8.63
CA TYR A 231 -0.75 11.51 7.94
C TYR A 231 -0.44 11.88 6.49
N SER A 232 0.47 11.13 5.87
CA SER A 232 0.90 11.43 4.51
CA SER A 232 0.85 11.43 4.50
C SER A 232 1.15 10.17 3.70
N VAL A 233 0.80 10.19 2.43
CA VAL A 233 1.15 9.11 1.51
C VAL A 233 2.05 9.69 0.43
N PRO A 234 3.21 9.06 0.19
CA PRO A 234 4.11 9.51 -0.89
C PRO A 234 3.40 9.64 -2.24
N PRO A 235 3.72 10.70 -3.00
CA PRO A 235 3.18 10.87 -4.36
C PRO A 235 3.41 9.63 -5.22
N GLU A 236 4.59 9.02 -5.11
CA GLU A 236 4.87 7.86 -5.93
C GLU A 236 3.95 6.70 -5.58
N HIS A 237 3.23 6.79 -4.46
CA HIS A 237 2.23 5.77 -4.12
C HIS A 237 0.77 6.29 -4.07
N GLY A 238 0.57 7.53 -4.48
CA GLY A 238 -0.75 8.13 -4.44
C GLY A 238 -1.80 7.30 -5.14
N LYS A 239 -1.44 6.74 -6.29
CA LYS A 239 -2.40 6.00 -7.10
C LYS A 239 -2.88 4.75 -6.39
N ARG A 240 -2.04 4.18 -5.53
CA ARG A 240 -2.40 3.01 -4.73
CA ARG A 240 -2.47 2.98 -4.82
C ARG A 240 -3.52 3.35 -3.76
N LEU A 241 -3.36 4.49 -3.09
CA LEU A 241 -4.38 4.96 -2.16
C LEU A 241 -5.71 5.21 -2.88
N GLU A 242 -5.68 5.84 -4.05
CA GLU A 242 -6.90 6.09 -4.83
C GLU A 242 -7.60 4.78 -5.21
N ARG A 243 -6.82 3.81 -5.62
CA ARG A 243 -7.35 2.50 -5.98
C ARG A 243 -8.04 1.86 -4.79
N LEU A 244 -7.41 1.96 -3.62
CA LEU A 244 -8.00 1.46 -2.37
C LEU A 244 -9.32 2.17 -2.07
N ALA A 245 -9.30 3.50 -2.18
CA ALA A 245 -10.46 4.32 -1.85
C ALA A 245 -11.63 4.07 -2.80
N LYS A 246 -11.35 3.91 -4.10
CA LYS A 246 -12.40 3.57 -5.06
C LYS A 246 -13.08 2.25 -4.69
N GLY A 247 -12.27 1.28 -4.24
CA GLY A 247 -12.77 -0.03 -3.83
C GLY A 247 -13.62 0.06 -2.57
N PHE A 248 -13.26 0.95 -1.68
CA PHE A 248 -14.06 1.08 -0.47
C PHE A 248 -15.25 2.03 -0.63
N PHE A 249 -15.20 2.93 -1.61
CA PHE A 249 -16.34 3.81 -1.87
C PHE A 249 -16.76 3.78 -3.34
N PRO A 250 -17.28 2.63 -3.81
CA PRO A 250 -17.62 2.45 -5.23
C PRO A 250 -18.69 3.42 -5.71
N GLY A 251 -19.66 3.74 -4.87
CA GLY A 251 -20.72 4.66 -5.22
C GLY A 251 -20.22 6.07 -5.46
N SER A 252 -19.39 6.59 -4.55
CA SER A 252 -18.77 7.90 -4.71
C SER A 252 -17.85 7.92 -5.93
N ALA A 253 -17.15 6.82 -6.14
CA ALA A 253 -16.20 6.73 -7.24
C ALA A 253 -16.91 6.83 -8.59
N GLN A 254 -18.02 6.10 -8.72
CA GLN A 254 -18.78 6.15 -9.97
C GLN A 254 -19.36 7.55 -10.26
N SER A 255 -19.67 8.33 -9.23
CA SER A 255 -20.31 9.65 -9.45
C SER A 255 -19.29 10.79 -9.68
N CYS A 256 -18.03 10.56 -9.39
CA CYS A 256 -17.01 11.58 -9.59
C CYS A 256 -15.64 10.98 -9.81
N GLU A 257 -14.93 11.51 -10.80
CA GLU A 257 -13.61 11.00 -11.18
C GLU A 257 -12.57 11.29 -10.10
N ALA A 258 -12.86 12.25 -9.23
CA ALA A 258 -11.89 12.61 -8.20
C ALA A 258 -12.61 12.85 -6.88
N PHE A 259 -13.34 11.86 -6.38
CA PHE A 259 -14.22 12.10 -5.24
C PHE A 259 -13.46 12.46 -3.96
N LEU A 260 -12.18 12.08 -3.85
CA LEU A 260 -11.41 12.45 -2.66
C LEU A 260 -11.27 13.97 -2.56
N ARG A 261 -11.45 14.69 -3.68
CA ARG A 261 -11.39 16.16 -3.67
C ARG A 261 -12.58 16.78 -2.93
N HIS A 262 -13.62 15.99 -2.68
CA HIS A 262 -14.72 16.51 -1.86
C HIS A 262 -14.27 16.76 -0.41
N LYS A 263 -13.13 16.16 -0.04
CA LYS A 263 -12.57 16.26 1.31
CA LYS A 263 -12.57 16.29 1.32
C LYS A 263 -13.52 15.74 2.39
N MET A 264 -14.19 14.62 2.11
CA MET A 264 -15.11 13.99 3.08
C MET A 264 -14.67 12.61 3.55
N THR A 265 -13.56 12.09 3.03
CA THR A 265 -13.21 10.68 3.27
C THR A 265 -12.05 10.53 4.26
N LEU A 266 -12.33 9.84 5.36
CA LEU A 266 -11.35 9.57 6.41
C LEU A 266 -10.99 8.09 6.42
N ILE A 267 -9.71 7.78 6.50
CA ILE A 267 -9.23 6.40 6.48
C ILE A 267 -8.12 6.28 7.52
N SER A 268 -8.32 5.44 8.54
CA SER A 268 -7.35 5.31 9.62
C SER A 268 -6.03 4.68 9.19
N PRO A 269 -4.95 4.94 9.94
CA PRO A 269 -3.64 4.36 9.62
C PRO A 269 -3.64 2.83 9.68
N LEU A 270 -4.45 2.23 10.53
CA LEU A 270 -4.56 0.77 10.57
C LEU A 270 -5.12 0.21 9.28
N MET A 271 -6.09 0.90 8.67
CA MET A 271 -6.61 0.44 7.39
C MET A 271 -5.55 0.51 6.30
N LEU A 272 -4.81 1.62 6.26
CA LEU A 272 -3.75 1.77 5.25
C LEU A 272 -2.73 0.65 5.39
N LYS A 273 -2.39 0.36 6.63
CA LYS A 273 -1.40 -0.64 6.99
C LYS A 273 -1.89 -2.00 6.50
N LYS A 274 -3.14 -2.30 6.83
CA LYS A 274 -3.83 -3.53 6.46
C LYS A 274 -3.78 -3.80 4.95
N TYR A 275 -3.80 -2.74 4.17
CA TYR A 275 -3.78 -2.89 2.73
C TYR A 275 -2.46 -2.48 2.06
N GLY A 276 -1.37 -2.43 2.85
CA GLY A 276 -0.05 -2.15 2.31
C GLY A 276 0.16 -0.83 1.60
N ILE A 277 -0.62 0.19 1.98
CA ILE A 277 -0.34 1.55 1.50
C ILE A 277 0.73 2.22 2.37
N PRO A 278 1.84 2.60 1.76
CA PRO A 278 2.89 3.23 2.56
C PRO A 278 2.44 4.60 3.04
N PHE A 279 2.77 4.98 4.27
CA PHE A 279 2.38 6.28 4.77
C PHE A 279 3.31 6.65 5.90
N ASP A 280 3.30 7.91 6.31
CA ASP A 280 4.09 8.33 7.45
C ASP A 280 3.24 9.27 8.31
N LYS A 281 3.67 9.48 9.54
CA LYS A 281 2.94 10.31 10.48
C LYS A 281 3.87 11.40 10.96
N VAL A 282 3.30 12.52 11.37
CA VAL A 282 4.09 13.59 11.96
C VAL A 282 3.14 14.46 12.70
N THR A 283 3.62 15.00 13.82
CA THR A 283 2.84 15.92 14.65
C THR A 283 3.42 17.33 14.59
N GLN A 284 2.54 18.31 14.39
CA GLN A 284 2.96 19.68 14.20
C GLN A 284 2.76 20.52 15.45
N GLU A 285 3.82 21.17 15.93
CA GLU A 285 3.70 21.99 17.13
C GLU A 285 3.54 23.45 16.75
N ALA A 286 2.92 24.24 17.63
CA ALA A 286 2.77 25.67 17.42
C ALA A 286 4.12 26.30 17.06
N GLY A 287 4.12 27.16 16.04
CA GLY A 287 5.36 27.77 15.60
C GLY A 287 6.07 26.96 14.54
N GLU A 288 5.43 25.92 14.02
CA GLU A 288 6.05 25.09 12.99
C GLU A 288 5.32 25.15 11.62
N PHE A 289 6.08 25.01 10.55
CA PHE A 289 5.54 24.94 9.19
C PHE A 289 5.43 23.51 8.69
N MET A 290 4.34 23.22 8.00
CA MET A 290 4.28 22.00 7.19
C MET A 290 4.20 22.41 5.73
N ILE A 291 4.95 21.72 4.87
CA ILE A 291 4.87 21.91 3.44
C ILE A 291 4.30 20.62 2.85
N THR A 292 3.28 20.70 2.01
CA THR A 292 2.84 19.50 1.27
C THR A 292 3.24 19.66 -0.19
N PHE A 293 3.50 18.55 -0.87
CA PHE A 293 4.07 18.58 -2.18
C PHE A 293 3.05 18.14 -3.23
N PRO A 294 3.28 18.48 -4.51
CA PRO A 294 2.31 18.12 -5.56
C PRO A 294 1.95 16.66 -5.52
N TYR A 295 0.63 16.40 -5.52
CA TYR A 295 0.08 15.06 -5.47
C TYR A 295 0.40 14.30 -4.17
N GLY A 296 0.73 15.04 -3.12
CA GLY A 296 0.87 14.41 -1.82
C GLY A 296 -0.44 14.33 -1.06
N TYR A 297 -1.00 13.14 -0.94
CA TYR A 297 -2.20 12.96 -0.11
C TYR A 297 -1.87 13.14 1.37
N HIS A 298 -2.69 13.92 2.05
CA HIS A 298 -2.54 14.13 3.46
C HIS A 298 -3.88 14.26 4.13
N ALA A 299 -3.86 14.06 5.44
CA ALA A 299 -5.04 14.08 6.29
C ALA A 299 -4.58 14.25 7.74
N GLY A 300 -5.48 14.60 8.64
CA GLY A 300 -5.10 14.68 10.05
C GLY A 300 -6.17 15.23 10.96
N PHE A 301 -5.76 15.65 12.16
CA PHE A 301 -6.68 16.17 13.15
C PHE A 301 -5.97 17.11 14.12
N ASN A 302 -6.77 17.91 14.81
CA ASN A 302 -6.24 18.82 15.82
C ASN A 302 -6.31 18.21 17.23
N HIS A 303 -5.35 18.57 18.08
CA HIS A 303 -5.29 18.06 19.45
C HIS A 303 -6.22 18.81 20.40
N GLY A 304 -6.49 20.07 20.09
CA GLY A 304 -7.28 20.90 20.98
C GLY A 304 -7.41 22.26 20.35
N PHE A 305 -7.72 23.27 21.15
CA PHE A 305 -7.84 24.64 20.64
C PHE A 305 -6.51 25.07 20.03
N ASN A 306 -6.55 25.52 18.78
CA ASN A 306 -5.36 25.99 18.07
C ASN A 306 -5.73 26.88 16.91
N CYS A 307 -4.73 27.36 16.20
CA CYS A 307 -4.99 28.23 15.05
C CYS A 307 -3.93 28.05 13.98
N ALA A 308 -4.38 27.88 12.74
CA ALA A 308 -3.47 27.60 11.63
C ALA A 308 -3.78 28.48 10.44
N GLU A 309 -2.75 28.74 9.65
CA GLU A 309 -2.91 29.57 8.46
C GLU A 309 -2.31 28.83 7.26
N SER A 310 -3.00 28.87 6.12
CA SER A 310 -2.45 28.19 4.94
C SER A 310 -2.84 28.82 3.61
N THR A 311 -2.07 28.47 2.58
CA THR A 311 -2.39 28.81 1.21
C THR A 311 -1.65 27.86 0.29
N ASN A 312 -1.92 27.92 -1.02
CA ASN A 312 -1.16 27.14 -1.99
C ASN A 312 -0.02 27.94 -2.61
N PHE A 313 0.91 27.23 -3.26
CA PHE A 313 1.97 27.87 -4.01
C PHE A 313 2.50 26.88 -5.04
N ALA A 314 3.42 27.35 -5.87
CA ALA A 314 3.90 26.55 -6.99
C ALA A 314 5.41 26.65 -7.18
N THR A 315 5.97 25.66 -7.88
CA THR A 315 7.32 25.73 -8.44
C THR A 315 7.18 25.29 -9.89
N ARG A 316 8.28 25.34 -10.64
CA ARG A 316 8.26 24.94 -12.06
C ARG A 316 7.87 23.46 -12.21
N ARG A 317 8.28 22.65 -11.24
CA ARG A 317 7.95 21.23 -11.25
C ARG A 317 6.42 21.00 -11.18
N TRP A 318 5.72 21.89 -10.49
CA TRP A 318 4.27 21.72 -10.35
C TRP A 318 3.54 21.71 -11.69
N ILE A 319 4.06 22.47 -12.64
CA ILE A 319 3.35 22.76 -13.90
C ILE A 319 2.85 21.49 -14.58
N GLU A 320 3.71 20.51 -14.69
CA GLU A 320 3.33 19.23 -15.26
C GLU A 320 2.23 18.53 -14.42
N TYR A 321 2.33 18.67 -13.11
CA TYR A 321 1.28 18.13 -12.25
C TYR A 321 -0.03 18.87 -12.57
N GLY A 322 0.05 20.19 -12.68
CA GLY A 322 -1.11 20.99 -13.05
C GLY A 322 -1.74 20.52 -14.33
N LYS A 323 -0.91 20.22 -15.32
CA LYS A 323 -1.40 19.80 -16.64
C LYS A 323 -2.16 18.48 -16.56
N GLN A 324 -1.77 17.63 -15.62
CA GLN A 324 -2.31 16.29 -15.56
C GLN A 324 -3.27 16.03 -14.39
N ALA A 325 -3.55 17.06 -13.59
CA ALA A 325 -4.39 16.84 -12.41
C ALA A 325 -5.79 16.37 -12.80
N VAL A 326 -6.25 15.27 -12.20
CA VAL A 326 -7.61 14.78 -12.44
C VAL A 326 -8.55 15.52 -11.49
N LEU A 327 -9.52 16.23 -12.07
CA LEU A 327 -10.36 17.15 -11.30
C LEU A 327 -11.75 16.60 -11.01
N CYS A 328 -12.39 17.17 -10.00
CA CYS A 328 -13.74 16.83 -9.63
C CYS A 328 -14.70 17.10 -10.78
N SER A 329 -15.39 16.05 -11.21
CA SER A 329 -16.23 16.14 -12.40
C SER A 329 -17.71 16.37 -12.08
N CYS A 330 -18.05 16.43 -10.80
CA CYS A 330 -19.46 16.56 -10.40
C CYS A 330 -19.73 17.97 -9.88
N ARG A 331 -18.78 18.86 -10.14
CA ARG A 331 -18.91 20.29 -9.88
C ARG A 331 -19.05 20.69 -8.41
N LYS A 332 -18.80 19.77 -7.48
CA LYS A 332 -18.81 20.17 -6.08
C LYS A 332 -17.54 20.96 -5.78
N ASP A 333 -16.41 20.47 -6.30
CA ASP A 333 -15.12 21.16 -6.22
C ASP A 333 -14.96 21.94 -7.53
N MET A 334 -15.09 23.25 -7.46
CA MET A 334 -15.09 24.06 -8.68
C MET A 334 -13.71 24.56 -9.12
N VAL A 335 -12.68 24.36 -8.30
CA VAL A 335 -11.40 25.02 -8.61
C VAL A 335 -10.65 24.44 -9.80
N LYS A 336 -10.66 25.22 -10.88
CA LYS A 336 -9.92 24.88 -12.08
C LYS A 336 -9.10 26.06 -12.53
N ILE A 337 -7.79 25.87 -12.58
CA ILE A 337 -6.86 26.91 -12.98
C ILE A 337 -6.42 26.63 -14.41
N SER A 338 -6.46 27.65 -15.27
CA SER A 338 -5.97 27.55 -16.64
C SER A 338 -4.44 27.44 -16.68
N MET A 339 -3.94 26.34 -17.25
CA MET A 339 -2.52 26.07 -17.32
C MET A 339 -1.81 26.79 -18.49
N ASP A 340 -2.59 27.45 -19.34
CA ASP A 340 -2.10 27.95 -20.61
C ASP A 340 -0.90 28.89 -20.46
N VAL A 341 -1.03 29.87 -19.58
CA VAL A 341 0.05 30.80 -19.35
C VAL A 341 1.31 30.09 -18.85
N PHE A 342 1.16 29.01 -18.09
CA PHE A 342 2.32 28.33 -17.54
C PHE A 342 3.08 27.57 -18.61
N VAL A 343 2.35 26.87 -19.47
CA VAL A 343 2.96 26.09 -20.53
C VAL A 343 3.65 27.03 -21.53
N ARG A 344 2.96 28.09 -21.92
CA ARG A 344 3.51 29.07 -22.83
C ARG A 344 4.81 29.67 -22.29
N LYS A 345 4.81 30.03 -21.01
CA LYS A 345 5.96 30.75 -20.49
C LYS A 345 7.11 29.82 -20.10
N PHE A 346 6.81 28.60 -19.65
CA PHE A 346 7.85 27.71 -19.12
C PHE A 346 8.05 26.42 -19.94
N GLN A 347 7.10 26.08 -20.79
CA GLN A 347 7.32 24.98 -21.72
C GLN A 347 7.01 25.34 -23.17
N PRO A 348 7.61 26.42 -23.69
CA PRO A 348 7.24 26.91 -25.02
C PRO A 348 7.38 25.86 -26.12
N GLU A 349 8.36 24.97 -25.99
CA GLU A 349 8.59 23.96 -27.02
C GLU A 349 7.52 22.86 -27.03
N ARG A 350 6.71 22.81 -25.97
N ARG A 350 6.72 22.79 -25.97
CA ARG A 350 5.69 21.77 -25.88
CA ARG A 350 5.70 21.76 -25.89
C ARG A 350 4.28 22.34 -26.01
C ARG A 350 4.29 22.35 -25.95
N TYR A 351 4.19 23.66 -26.14
CA TYR A 351 2.90 24.33 -26.17
C TYR A 351 2.00 23.84 -27.29
N LYS A 352 2.49 23.87 -28.53
CA LYS A 352 1.72 23.39 -29.68
C LYS A 352 1.34 21.91 -29.50
N LEU A 353 2.27 21.11 -29.04
CA LEU A 353 1.98 19.69 -28.83
C LEU A 353 0.89 19.52 -27.77
N TRP A 354 1.04 20.23 -26.65
CA TRP A 354 0.08 20.16 -25.55
C TRP A 354 -1.32 20.64 -25.96
N LYS A 355 -1.40 21.76 -26.68
CA LYS A 355 -2.69 22.27 -27.15
C LYS A 355 -3.37 21.27 -28.09
N ALA A 356 -2.57 20.47 -28.78
CA ALA A 356 -3.10 19.45 -29.67
C ALA A 356 -3.26 18.10 -28.97
N GLY A 357 -3.22 18.10 -27.64
CA GLY A 357 -3.38 16.89 -26.86
C GLY A 357 -2.43 15.73 -27.15
N LYS A 358 -1.22 16.03 -27.59
CA LYS A 358 -0.28 14.95 -27.92
C LYS A 358 0.97 14.97 -27.02
N ASP A 359 0.90 15.74 -25.94
CA ASP A 359 1.99 15.80 -24.96
C ASP A 359 1.83 14.66 -23.97
N ASN A 360 2.60 13.58 -24.14
CA ASN A 360 2.51 12.42 -23.26
C ASN A 360 3.67 12.36 -22.28
N THR A 361 4.10 13.51 -21.77
CA THR A 361 5.11 13.54 -20.72
C THR A 361 4.68 12.71 -19.51
N VAL A 362 5.60 11.93 -18.97
CA VAL A 362 5.31 11.12 -17.80
C VAL A 362 6.01 11.72 -16.58
N ILE A 363 5.28 11.82 -15.48
CA ILE A 363 5.84 12.42 -14.26
C ILE A 363 6.66 11.41 -13.43
N ASP A 364 7.87 11.82 -13.06
CA ASP A 364 8.72 11.10 -12.12
C ASP A 364 8.72 11.85 -10.81
N HIS A 365 8.04 11.26 -9.83
CA HIS A 365 7.77 11.92 -8.56
C HIS A 365 9.01 12.10 -7.70
N THR A 366 10.10 11.43 -8.08
CA THR A 366 11.33 11.51 -7.30
C THR A 366 12.16 12.72 -7.68
N LEU A 367 11.97 13.21 -8.90
CA LEU A 367 12.81 14.32 -9.39
C LEU A 367 12.51 15.60 -8.62
N PRO A 368 13.55 16.36 -8.26
CA PRO A 368 13.39 17.69 -7.64
C PRO A 368 13.04 18.77 -8.68
N THR A 369 12.47 19.87 -8.22
CA THR A 369 12.16 21.00 -9.11
C THR A 369 13.48 21.49 -9.71
N PRO A 370 13.45 21.91 -10.99
CA PRO A 370 14.63 22.41 -11.72
C PRO A 370 15.39 23.54 -11.03
N GLU A 371 14.71 24.41 -10.28
CA GLU A 371 15.37 25.54 -9.61
C GLU A 371 16.42 25.08 -8.60
N ALA A 372 16.43 23.78 -8.31
CA ALA A 372 17.40 23.19 -7.40
C ALA A 372 18.67 22.75 -8.12
N ALA A 373 18.80 23.14 -9.40
CA ALA A 373 20.01 22.84 -10.17
C ALA A 373 21.19 23.54 -9.53
N GLU A 374 20.89 24.66 -8.88
CA GLU A 374 21.88 25.48 -8.19
C GLU A 374 22.49 24.72 -7.00
N PHE A 375 21.71 23.79 -6.44
CA PHE A 375 22.21 22.91 -5.38
C PHE A 375 22.58 21.54 -5.94
N THR B 29 -18.47 -10.57 4.20
CA THR B 29 -18.57 -9.11 4.26
C THR B 29 -17.20 -8.48 4.55
N LEU B 30 -16.29 -9.27 5.09
CA LEU B 30 -14.94 -8.81 5.43
C LEU B 30 -14.01 -8.84 4.20
N ASN B 31 -13.44 -7.68 3.88
CA ASN B 31 -12.79 -7.42 2.58
C ASN B 31 -13.55 -7.90 1.35
N PRO B 32 -14.69 -7.25 1.06
CA PRO B 32 -15.58 -7.56 -0.08
C PRO B 32 -14.93 -7.21 -1.42
N SER B 33 -13.80 -6.50 -1.34
CA SER B 33 -13.01 -6.17 -2.50
C SER B 33 -12.01 -7.30 -2.79
N ALA B 34 -11.91 -8.25 -1.84
CA ALA B 34 -11.03 -9.42 -1.93
C ALA B 34 -9.61 -9.03 -2.29
N ARG B 35 -9.10 -8.00 -1.62
CA ARG B 35 -7.80 -7.44 -1.92
C ARG B 35 -6.76 -8.08 -0.97
N ILE B 36 -5.52 -8.23 -1.43
CA ILE B 36 -4.49 -8.83 -0.59
C ILE B 36 -4.25 -8.00 0.67
N MET B 37 -4.43 -8.63 1.83
CA MET B 37 -4.23 -7.93 3.10
C MET B 37 -2.86 -8.23 3.72
N THR B 38 -2.40 -7.29 4.54
CA THR B 38 -1.11 -7.39 5.23
C THR B 38 -1.32 -7.31 6.74
N PHE B 39 -0.64 -8.17 7.49
CA PHE B 39 -0.83 -8.25 8.94
C PHE B 39 0.47 -8.11 9.71
N TYR B 40 0.37 -7.49 10.88
CA TYR B 40 1.54 -7.22 11.71
C TYR B 40 1.35 -7.80 13.14
N PRO B 41 1.53 -9.12 13.31
CA PRO B 41 1.29 -9.69 14.65
C PRO B 41 2.32 -9.26 15.69
N THR B 42 1.89 -9.17 16.95
CA THR B 42 2.81 -9.01 18.08
C THR B 42 3.51 -10.35 18.30
N MET B 43 4.52 -10.36 19.17
CA MET B 43 5.24 -11.60 19.46
C MET B 43 4.31 -12.60 20.15
N GLU B 44 3.43 -12.13 21.02
CA GLU B 44 2.51 -13.02 21.72
C GLU B 44 1.54 -13.66 20.72
N GLU B 45 1.07 -12.87 19.75
CA GLU B 45 0.17 -13.41 18.73
C GLU B 45 0.91 -14.35 17.77
N PHE B 46 2.20 -14.09 17.60
CA PHE B 46 3.03 -14.83 16.66
C PHE B 46 3.32 -16.27 17.11
N ARG B 47 3.18 -16.54 18.40
CA ARG B 47 3.67 -17.79 18.99
C ARG B 47 2.81 -18.99 18.60
N ASN B 48 1.50 -18.79 18.47
CA ASN B 48 0.60 -19.86 18.05
C ASN B 48 0.23 -19.71 16.58
N PHE B 49 0.88 -20.52 15.73
CA PHE B 49 0.74 -20.44 14.28
C PHE B 49 -0.70 -20.64 13.80
N SER B 50 -1.29 -21.80 14.12
CA SER B 50 -2.66 -22.11 13.70
C SER B 50 -3.66 -21.06 14.18
N ARG B 51 -3.42 -20.50 15.35
CA ARG B 51 -4.29 -19.49 15.92
C ARG B 51 -4.28 -18.22 15.07
N TYR B 52 -3.09 -17.75 14.69
CA TYR B 52 -3.01 -16.52 13.91
C TYR B 52 -3.58 -16.69 12.51
N ILE B 53 -3.32 -17.82 11.88
CA ILE B 53 -3.95 -18.10 10.59
C ILE B 53 -5.46 -18.01 10.74
N ALA B 54 -5.98 -18.60 11.82
CA ALA B 54 -7.41 -18.52 12.08
C ALA B 54 -7.87 -17.08 12.25
N TYR B 55 -7.04 -16.24 12.86
CA TYR B 55 -7.36 -14.83 13.04
C TYR B 55 -7.44 -14.02 11.74
N ILE B 56 -6.41 -14.11 10.91
CA ILE B 56 -6.40 -13.33 9.68
C ILE B 56 -7.55 -13.77 8.76
N GLU B 57 -7.96 -15.04 8.85
CA GLU B 57 -9.15 -15.47 8.14
C GLU B 57 -10.40 -14.82 8.74
N SER B 58 -10.38 -14.53 10.03
CA SER B 58 -11.55 -13.86 10.63
C SER B 58 -11.57 -12.38 10.17
N GLN B 59 -10.45 -11.91 9.62
CA GLN B 59 -10.38 -10.56 9.04
C GLN B 59 -10.58 -10.61 7.53
N GLY B 60 -10.89 -11.79 7.00
CA GLY B 60 -11.17 -11.96 5.59
C GLY B 60 -9.98 -12.13 4.67
N ALA B 61 -8.79 -12.28 5.24
CA ALA B 61 -7.55 -12.40 4.47
C ALA B 61 -7.61 -13.47 3.39
N HIS B 62 -8.34 -14.55 3.66
CA HIS B 62 -8.36 -15.71 2.76
C HIS B 62 -9.02 -15.43 1.42
N ARG B 63 -9.85 -14.39 1.37
CA ARG B 63 -10.66 -14.13 0.20
C ARG B 63 -9.87 -13.75 -1.03
N ALA B 64 -8.71 -13.15 -0.80
CA ALA B 64 -7.82 -12.75 -1.88
C ALA B 64 -7.01 -13.93 -2.42
N GLY B 65 -6.99 -15.04 -1.68
CA GLY B 65 -6.17 -16.19 -2.03
C GLY B 65 -4.73 -16.09 -1.52
N LEU B 66 -4.36 -14.91 -1.03
CA LEU B 66 -2.98 -14.60 -0.68
C LEU B 66 -2.91 -13.50 0.36
N ALA B 67 -2.07 -13.67 1.37
CA ALA B 67 -1.91 -12.65 2.40
C ALA B 67 -0.47 -12.53 2.84
N LYS B 68 -0.06 -11.34 3.25
CA LYS B 68 1.30 -11.12 3.76
C LYS B 68 1.26 -10.98 5.26
N VAL B 69 2.24 -11.58 5.93
CA VAL B 69 2.43 -11.46 7.37
C VAL B 69 3.84 -10.97 7.66
N VAL B 70 3.94 -9.80 8.30
CA VAL B 70 5.21 -9.23 8.71
C VAL B 70 5.51 -9.67 10.15
N PRO B 71 6.64 -10.35 10.35
CA PRO B 71 6.93 -10.86 11.70
C PRO B 71 7.41 -9.76 12.64
N PRO B 72 7.20 -9.92 13.96
CA PRO B 72 7.73 -8.97 14.95
C PRO B 72 9.23 -8.72 14.73
N LYS B 73 9.68 -7.50 14.95
CA LYS B 73 11.06 -7.12 14.64
C LYS B 73 12.12 -7.89 15.45
N GLU B 74 11.81 -8.22 16.69
CA GLU B 74 12.66 -9.08 17.53
C GLU B 74 12.95 -10.43 16.88
N TRP B 75 11.91 -11.03 16.29
CA TRP B 75 12.00 -12.40 15.77
C TRP B 75 12.95 -12.53 14.57
N LYS B 76 13.70 -13.63 14.54
CA LYS B 76 14.51 -14.02 13.37
C LYS B 76 14.76 -15.53 13.42
N PRO B 77 14.68 -16.19 12.25
CA PRO B 77 14.74 -17.65 12.14
C PRO B 77 16.16 -18.21 12.19
N ARG B 78 17.14 -17.37 11.90
CA ARG B 78 18.53 -17.78 11.87
C ARG B 78 19.39 -16.57 12.20
N ALA B 79 20.46 -16.77 12.97
CA ALA B 79 21.30 -15.66 13.38
C ALA B 79 22.05 -15.04 12.21
N SER B 80 22.53 -15.85 11.28
CA SER B 80 23.32 -15.35 10.14
C SER B 80 23.24 -16.27 8.93
N TYR B 81 23.27 -15.71 7.73
CA TYR B 81 23.23 -16.52 6.51
C TYR B 81 24.58 -16.56 5.82
N ASP B 82 25.65 -16.65 6.59
CA ASP B 82 27.00 -16.66 6.02
C ASP B 82 27.63 -18.06 6.03
N ASP B 83 26.97 -19.01 6.69
CA ASP B 83 27.51 -20.37 6.79
C ASP B 83 26.89 -21.32 5.76
N ILE B 84 26.34 -20.76 4.68
CA ILE B 84 25.63 -21.60 3.69
C ILE B 84 26.21 -21.61 2.28
N ASP B 85 27.35 -20.99 2.05
CA ASP B 85 27.90 -20.98 0.67
C ASP B 85 28.25 -22.37 0.11
N ASP B 86 28.34 -23.38 0.97
CA ASP B 86 28.69 -24.73 0.51
C ASP B 86 27.45 -25.62 0.41
N LEU B 87 26.29 -25.04 0.67
CA LEU B 87 25.03 -25.74 0.51
C LEU B 87 24.88 -26.14 -0.95
N VAL B 88 24.46 -27.38 -1.16
CA VAL B 88 24.33 -27.91 -2.52
C VAL B 88 22.93 -27.70 -3.07
N ILE B 89 22.86 -27.16 -4.28
CA ILE B 89 21.63 -27.15 -5.07
C ILE B 89 21.70 -28.28 -6.10
N PRO B 90 21.07 -29.43 -5.79
CA PRO B 90 21.26 -30.65 -6.61
C PRO B 90 20.70 -30.53 -8.03
N ALA B 91 19.62 -29.78 -8.23
CA ALA B 91 18.96 -29.79 -9.52
C ALA B 91 18.49 -28.43 -10.00
N PRO B 92 19.43 -27.53 -10.33
CA PRO B 92 19.08 -26.21 -10.83
C PRO B 92 18.32 -26.33 -12.13
N ILE B 93 17.40 -25.40 -12.36
CA ILE B 93 16.50 -25.44 -13.52
C ILE B 93 16.71 -24.23 -14.41
N GLN B 94 17.05 -24.43 -15.68
CA GLN B 94 17.02 -23.33 -16.62
C GLN B 94 15.61 -23.17 -17.17
N GLN B 95 15.05 -21.96 -17.07
CA GLN B 95 13.65 -21.68 -17.42
C GLN B 95 13.53 -21.09 -18.82
N LEU B 96 13.28 -21.97 -19.78
CA LEU B 96 12.99 -21.57 -21.14
C LEU B 96 11.50 -21.26 -21.30
N VAL B 97 11.21 -20.13 -21.93
CA VAL B 97 9.85 -19.65 -22.09
C VAL B 97 9.52 -19.31 -23.54
N THR B 98 8.45 -19.89 -24.05
CA THR B 98 7.97 -19.59 -25.40
C THR B 98 6.56 -19.03 -25.35
N GLY B 99 6.26 -18.03 -26.16
CA GLY B 99 4.92 -17.49 -26.22
C GLY B 99 4.83 -16.08 -26.74
N GLN B 100 3.63 -15.50 -26.66
CA GLN B 100 3.33 -14.17 -27.18
C GLN B 100 1.98 -13.64 -26.65
N SER B 101 1.75 -12.34 -26.77
CA SER B 101 0.47 -11.72 -26.37
C SER B 101 0.05 -12.09 -24.96
N GLY B 102 1.00 -12.10 -24.03
CA GLY B 102 0.69 -12.35 -22.64
C GLY B 102 0.47 -13.81 -22.26
N LEU B 103 0.58 -14.72 -23.21
CA LEU B 103 0.36 -16.14 -22.95
C LEU B 103 1.63 -16.92 -23.22
N PHE B 104 2.13 -17.66 -22.22
CA PHE B 104 3.43 -18.32 -22.34
C PHE B 104 3.45 -19.72 -21.73
N THR B 105 4.35 -20.55 -22.25
CA THR B 105 4.64 -21.85 -21.69
C THR B 105 6.12 -21.93 -21.34
N GLN B 106 6.37 -22.38 -20.10
CA GLN B 106 7.70 -22.44 -19.51
C GLN B 106 8.21 -23.89 -19.50
N TYR B 107 9.36 -24.11 -20.12
CA TYR B 107 9.99 -25.43 -20.17
C TYR B 107 11.22 -25.46 -19.28
N ASN B 108 11.32 -26.47 -18.43
CA ASN B 108 12.42 -26.59 -17.50
C ASN B 108 13.52 -27.49 -18.02
N ILE B 109 14.76 -27.00 -18.01
CA ILE B 109 15.90 -27.82 -18.38
C ILE B 109 16.81 -27.96 -17.18
N GLN B 110 17.03 -29.19 -16.72
CA GLN B 110 17.84 -29.41 -15.52
C GLN B 110 19.31 -29.27 -15.85
N LYS B 111 20.04 -28.52 -15.04
CA LYS B 111 21.47 -28.37 -15.20
C LYS B 111 22.21 -29.15 -14.10
N LYS B 112 23.52 -29.30 -14.25
CA LYS B 112 24.29 -30.03 -13.26
C LYS B 112 24.24 -29.30 -11.92
N ALA B 113 24.49 -30.03 -10.84
CA ALA B 113 24.43 -29.46 -9.50
C ALA B 113 25.40 -28.31 -9.34
N MET B 114 25.20 -27.52 -8.28
CA MET B 114 26.04 -26.39 -7.99
C MET B 114 25.80 -25.96 -6.55
N THR B 115 26.77 -25.27 -5.98
CA THR B 115 26.63 -24.75 -4.63
C THR B 115 25.99 -23.36 -4.65
N VAL B 116 25.47 -22.93 -3.51
CA VAL B 116 24.93 -21.58 -3.37
C VAL B 116 25.95 -20.52 -3.80
N ARG B 117 27.21 -20.72 -3.39
CA ARG B 117 28.30 -19.83 -3.78
C ARG B 117 28.31 -19.64 -5.28
N GLU B 118 28.38 -20.73 -6.01
CA GLU B 118 28.41 -20.70 -7.48
C GLU B 118 27.14 -20.07 -8.07
N PHE B 119 25.98 -20.39 -7.50
CA PHE B 119 24.72 -19.84 -7.98
C PHE B 119 24.69 -18.32 -7.79
N ARG B 120 25.02 -17.87 -6.58
CA ARG B 120 25.06 -16.44 -6.26
C ARG B 120 25.93 -15.63 -7.21
N LYS B 121 27.09 -16.18 -7.56
CA LYS B 121 27.98 -15.50 -8.49
C LYS B 121 27.32 -15.36 -9.86
N ILE B 122 26.70 -16.44 -10.34
CA ILE B 122 25.97 -16.37 -11.60
C ILE B 122 24.81 -15.36 -11.55
N ALA B 123 24.06 -15.42 -10.45
CA ALA B 123 22.90 -14.55 -10.25
C ALA B 123 23.28 -13.09 -10.27
N ASN B 124 24.43 -12.76 -9.67
CA ASN B 124 24.82 -11.36 -9.55
C ASN B 124 25.72 -10.92 -10.69
N SER B 125 26.10 -11.86 -11.55
CA SER B 125 26.87 -11.53 -12.76
C SER B 125 26.11 -10.54 -13.65
N ASP B 126 26.81 -9.86 -14.53
CA ASP B 126 26.20 -8.84 -15.36
C ASP B 126 25.18 -9.42 -16.34
N LYS B 127 25.45 -10.63 -16.80
CA LYS B 127 24.56 -11.29 -17.75
C LYS B 127 23.17 -11.51 -17.13
N TYR B 128 23.11 -11.78 -15.83
CA TYR B 128 21.87 -12.23 -15.22
C TYR B 128 21.30 -11.32 -14.15
N CYS B 129 21.97 -10.22 -13.85
CA CYS B 129 21.55 -9.41 -12.71
C CYS B 129 20.36 -8.52 -13.09
N THR B 130 19.69 -8.02 -12.06
CA THR B 130 18.55 -7.13 -12.22
C THR B 130 18.89 -5.92 -13.08
N PRO B 131 17.99 -5.57 -14.02
CA PRO B 131 18.12 -4.34 -14.81
C PRO B 131 17.84 -3.10 -13.98
N ARG B 132 18.21 -1.92 -14.49
CA ARG B 132 18.00 -0.68 -13.76
C ARG B 132 16.56 -0.22 -13.87
N TYR B 133 16.02 0.30 -12.78
CA TYR B 133 14.65 0.77 -12.76
C TYR B 133 14.38 1.75 -11.64
N SER B 134 13.26 2.45 -11.75
CA SER B 134 12.82 3.40 -10.74
C SER B 134 11.73 2.79 -9.85
N GLU B 135 10.54 2.65 -10.41
CA GLU B 135 9.36 2.13 -9.72
C GLU B 135 9.15 0.63 -10.00
N PHE B 136 8.41 -0.06 -9.13
CA PHE B 136 8.13 -1.48 -9.37
C PHE B 136 7.48 -1.72 -10.72
N GLU B 137 6.53 -0.86 -11.07
CA GLU B 137 5.78 -0.98 -12.31
C GLU B 137 6.71 -1.09 -13.50
N GLU B 138 7.90 -0.49 -13.40
CA GLU B 138 8.84 -0.53 -14.52
C GLU B 138 9.55 -1.87 -14.56
N LEU B 139 10.00 -2.36 -13.40
CA LEU B 139 10.62 -3.67 -13.35
C LEU B 139 9.60 -4.72 -13.81
N GLU B 140 8.33 -4.52 -13.46
CA GLU B 140 7.25 -5.41 -13.87
C GLU B 140 7.13 -5.46 -15.39
N ARG B 141 7.21 -4.27 -15.99
CA ARG B 141 7.20 -4.14 -17.45
C ARG B 141 8.35 -4.89 -18.10
N LYS B 142 9.55 -4.73 -17.53
CA LYS B 142 10.70 -5.40 -18.11
C LYS B 142 10.52 -6.91 -18.03
N TYR B 143 9.95 -7.39 -16.92
CA TYR B 143 9.70 -8.82 -16.75
C TYR B 143 8.87 -9.42 -17.91
N TRP B 144 7.67 -8.87 -18.15
CA TRP B 144 6.73 -9.37 -19.15
C TRP B 144 7.18 -9.11 -20.57
N LYS B 145 8.10 -8.17 -20.73
CA LYS B 145 8.63 -7.84 -22.04
C LYS B 145 9.81 -8.77 -22.41
N ASN B 146 10.62 -9.14 -21.42
CA ASN B 146 11.85 -9.91 -21.67
C ASN B 146 11.79 -11.35 -21.14
N LEU B 147 10.57 -11.79 -20.81
CA LEU B 147 10.29 -13.11 -20.23
C LEU B 147 10.92 -14.23 -21.02
N THR B 148 10.86 -14.12 -22.34
CA THR B 148 11.32 -15.21 -23.22
C THR B 148 12.79 -15.11 -23.62
N PHE B 149 13.46 -14.03 -23.21
CA PHE B 149 14.87 -13.83 -23.58
C PHE B 149 15.82 -14.23 -22.46
N ASN B 150 17.03 -14.61 -22.82
CA ASN B 150 18.11 -14.82 -21.85
C ASN B 150 17.67 -15.69 -20.66
N PRO B 151 17.33 -16.95 -20.91
CA PRO B 151 16.77 -17.82 -19.86
C PRO B 151 17.60 -17.90 -18.60
N PRO B 152 16.99 -17.58 -17.46
CA PRO B 152 17.66 -17.60 -16.16
C PRO B 152 17.72 -19.00 -15.60
N ILE B 153 18.39 -19.14 -14.46
CA ILE B 153 18.48 -20.41 -13.79
C ILE B 153 17.86 -20.23 -12.44
N TYR B 154 17.04 -21.19 -12.02
CA TYR B 154 16.34 -21.12 -10.74
C TYR B 154 16.77 -22.31 -9.89
N GLY B 155 17.26 -22.03 -8.69
CA GLY B 155 17.69 -23.08 -7.78
C GLY B 155 16.51 -23.53 -6.94
N ALA B 156 15.57 -24.19 -7.58
CA ALA B 156 14.27 -24.44 -6.98
C ALA B 156 14.12 -25.84 -6.39
N ASP B 157 13.16 -25.98 -5.48
CA ASP B 157 12.78 -27.26 -4.89
C ASP B 157 13.95 -27.99 -4.21
N VAL B 158 14.74 -27.25 -3.43
CA VAL B 158 15.83 -27.86 -2.67
C VAL B 158 15.36 -28.32 -1.30
N ASN B 159 15.42 -29.62 -1.05
CA ASN B 159 15.05 -30.13 0.28
C ASN B 159 15.93 -29.49 1.33
N GLY B 160 15.32 -28.95 2.38
CA GLY B 160 16.07 -28.32 3.44
C GLY B 160 15.36 -27.16 4.12
N THR B 161 15.94 -26.72 5.23
CA THR B 161 15.41 -25.59 6.01
C THR B 161 16.62 -24.73 6.38
N LEU B 162 16.41 -23.42 6.54
CA LEU B 162 17.52 -22.58 6.97
C LEU B 162 17.25 -22.06 8.36
N TYR B 163 16.21 -22.61 8.96
CA TYR B 163 15.85 -22.28 10.33
C TYR B 163 16.85 -22.89 11.31
N GLU B 164 17.16 -22.15 12.36
CA GLU B 164 17.94 -22.65 13.47
C GLU B 164 17.06 -23.63 14.24
N LYS B 165 17.68 -24.74 14.69
CA LYS B 165 16.97 -25.84 15.32
C LYS B 165 16.04 -25.46 16.45
N HIS B 166 16.30 -24.35 17.13
CA HIS B 166 15.55 -24.07 18.36
C HIS B 166 14.49 -22.98 18.20
N VAL B 167 14.35 -22.45 16.99
CA VAL B 167 13.29 -21.46 16.72
C VAL B 167 11.94 -22.15 16.75
N ASP B 168 11.08 -21.78 17.70
CA ASP B 168 9.81 -22.48 17.83
C ASP B 168 8.62 -21.72 17.21
N GLU B 169 8.82 -20.50 16.75
CA GLU B 169 7.73 -19.70 16.19
C GLU B 169 7.76 -19.68 14.65
N TRP B 170 6.66 -20.10 14.03
CA TRP B 170 6.54 -20.11 12.57
C TRP B 170 7.68 -20.86 11.91
N ASN B 171 8.01 -22.02 12.48
CA ASN B 171 9.06 -22.85 11.92
C ASN B 171 8.48 -23.73 10.84
N ILE B 172 8.92 -23.48 9.61
CA ILE B 172 8.38 -24.13 8.44
C ILE B 172 8.60 -25.66 8.43
N GLY B 173 9.65 -26.11 9.10
CA GLY B 173 9.93 -27.54 9.21
C GLY B 173 8.93 -28.28 10.10
N ARG B 174 8.25 -27.55 10.98
CA ARG B 174 7.37 -28.18 11.94
C ARG B 174 6.26 -27.25 12.45
N LEU B 175 5.33 -26.88 11.57
CA LEU B 175 4.30 -25.92 11.93
C LEU B 175 3.24 -26.54 12.86
N ARG B 176 3.16 -27.86 12.86
CA ARG B 176 2.25 -28.62 13.74
C ARG B 176 0.77 -28.36 13.46
N THR B 177 0.39 -28.34 12.19
CA THR B 177 -1.03 -28.29 11.82
C THR B 177 -1.53 -29.70 11.56
N ILE B 178 -2.83 -29.83 11.31
CA ILE B 178 -3.43 -31.13 11.09
C ILE B 178 -2.94 -31.82 9.83
N LEU B 179 -2.12 -31.14 9.02
CA LEU B 179 -1.52 -31.82 7.87
C LEU B 179 -0.58 -32.92 8.33
N ASP B 180 -0.09 -32.80 9.57
CA ASP B 180 0.79 -33.81 10.17
C ASP B 180 0.14 -35.18 10.30
N LEU B 181 -1.18 -35.23 10.22
CA LEU B 181 -1.89 -36.50 10.23
C LEU B 181 -1.45 -37.40 9.08
N VAL B 182 -0.85 -36.82 8.04
CA VAL B 182 -0.31 -37.62 6.94
C VAL B 182 0.91 -38.40 7.42
N GLU B 183 1.88 -37.70 8.00
CA GLU B 183 3.10 -38.34 8.50
C GLU B 183 2.86 -39.09 9.82
N LYS B 184 2.29 -38.40 10.80
CA LYS B 184 2.11 -38.96 12.15
C LYS B 184 1.21 -40.20 12.20
N GLU B 185 0.04 -40.11 11.59
CA GLU B 185 -0.91 -41.23 11.59
C GLU B 185 -0.60 -42.27 10.51
N SER B 186 -0.15 -41.83 9.34
CA SER B 186 -0.04 -42.72 8.18
C SER B 186 1.40 -42.99 7.73
N GLY B 187 2.38 -42.37 8.37
CA GLY B 187 3.79 -42.64 8.08
C GLY B 187 4.33 -42.12 6.77
N ILE B 188 3.53 -41.33 6.07
CA ILE B 188 3.87 -40.83 4.74
C ILE B 188 4.62 -39.48 4.77
N THR B 189 5.73 -39.41 4.05
CA THR B 189 6.44 -38.15 3.85
C THR B 189 6.34 -37.70 2.39
N ILE B 190 6.03 -36.42 2.19
CA ILE B 190 5.94 -35.87 0.84
C ILE B 190 6.78 -34.59 0.72
N GLU B 191 7.88 -34.69 -0.04
CA GLU B 191 8.84 -33.59 -0.14
C GLU B 191 8.27 -32.28 -0.69
N GLY B 192 8.53 -31.20 0.05
CA GLY B 192 7.98 -29.90 -0.28
C GLY B 192 6.57 -29.68 0.25
N VAL B 193 5.89 -30.77 0.64
CA VAL B 193 4.50 -30.67 1.06
C VAL B 193 4.35 -30.70 2.58
N ASN B 194 4.85 -31.77 3.23
CA ASN B 194 4.99 -31.70 4.69
C ASN B 194 6.46 -31.66 5.10
N THR B 195 7.33 -31.35 4.15
CA THR B 195 8.72 -31.04 4.44
C THR B 195 9.10 -29.75 3.71
N PRO B 196 10.16 -29.06 4.18
CA PRO B 196 10.45 -27.76 3.57
C PRO B 196 11.32 -27.87 2.33
N TYR B 197 11.16 -26.88 1.48
CA TYR B 197 11.93 -26.68 0.25
C TYR B 197 12.59 -25.34 0.31
N LEU B 198 13.67 -25.17 -0.44
CA LEU B 198 14.35 -23.91 -0.52
C LEU B 198 14.38 -23.48 -1.96
N TYR B 199 14.27 -22.18 -2.17
CA TYR B 199 14.24 -21.60 -3.51
C TYR B 199 15.29 -20.50 -3.62
N PHE B 200 16.34 -20.78 -4.39
CA PHE B 200 17.36 -19.79 -4.70
C PHE B 200 17.06 -19.17 -6.06
N GLY B 201 16.68 -17.89 -6.07
CA GLY B 201 16.34 -17.23 -7.32
C GLY B 201 17.32 -16.22 -7.85
N MET B 202 17.17 -15.87 -9.12
CA MET B 202 17.83 -14.72 -9.70
C MET B 202 16.77 -13.90 -10.42
N TRP B 203 17.19 -12.80 -11.04
CA TRP B 203 16.30 -11.92 -11.77
C TRP B 203 15.53 -12.68 -12.83
N LYS B 204 14.21 -12.50 -12.86
CA LYS B 204 13.36 -12.98 -13.93
C LYS B 204 13.07 -14.50 -13.83
N THR B 205 13.50 -15.16 -12.75
CA THR B 205 13.01 -16.53 -12.49
C THR B 205 11.55 -16.48 -12.03
N SER B 206 10.75 -17.43 -12.50
CA SER B 206 9.29 -17.38 -12.38
C SER B 206 8.67 -18.61 -11.73
N PHE B 207 7.51 -18.39 -11.12
CA PHE B 207 6.66 -19.52 -10.76
C PHE B 207 5.32 -19.31 -11.44
N ALA B 208 4.93 -20.33 -12.19
CA ALA B 208 3.73 -20.29 -13.02
C ALA B 208 2.47 -20.34 -12.16
N TRP B 209 1.35 -20.00 -12.77
CA TRP B 209 0.03 -20.04 -12.15
C TRP B 209 -0.35 -21.43 -11.69
N HIS B 210 -0.73 -21.56 -10.42
CA HIS B 210 -1.07 -22.86 -9.85
C HIS B 210 -1.75 -22.65 -8.53
N THR B 211 -2.51 -23.65 -8.06
CA THR B 211 -2.86 -23.78 -6.65
C THR B 211 -1.93 -24.83 -6.00
N GLU B 212 -2.04 -25.04 -4.69
CA GLU B 212 -1.18 -26.05 -4.04
C GLU B 212 -1.66 -27.48 -4.33
N ASP B 213 -0.76 -28.46 -4.18
CA ASP B 213 -1.18 -29.87 -4.21
C ASP B 213 -2.35 -30.07 -3.24
N MET B 214 -3.39 -30.78 -3.70
CA MET B 214 -4.59 -31.02 -2.90
C MET B 214 -5.26 -29.70 -2.48
N ASP B 215 -4.93 -28.62 -3.19
CA ASP B 215 -5.43 -27.28 -2.89
C ASP B 215 -5.23 -26.89 -1.43
N LEU B 216 -4.08 -27.28 -0.90
CA LEU B 216 -3.66 -26.97 0.45
C LEU B 216 -3.31 -25.48 0.64
N TYR B 217 -3.11 -25.05 1.89
CA TYR B 217 -2.39 -23.79 2.17
C TYR B 217 -0.91 -23.98 1.84
N SER B 218 -0.20 -22.86 1.67
CA SER B 218 1.25 -22.88 1.72
C SER B 218 1.75 -21.66 2.48
N ILE B 219 3.00 -21.73 2.90
CA ILE B 219 3.66 -20.64 3.61
C ILE B 219 4.98 -20.41 2.89
N ASN B 220 5.33 -19.15 2.66
CA ASN B 220 6.57 -18.84 1.95
C ASN B 220 7.29 -17.73 2.68
N TYR B 221 8.52 -18.03 3.11
CA TYR B 221 9.35 -17.05 3.83
C TYR B 221 10.55 -16.69 3.01
N LEU B 222 10.78 -15.40 2.82
CA LEU B 222 11.93 -14.89 2.07
C LEU B 222 13.10 -14.59 3.04
N HIS B 223 14.10 -15.49 3.07
CA HIS B 223 15.20 -15.40 4.04
C HIS B 223 16.07 -14.17 3.84
N PHE B 224 16.49 -13.92 2.60
CA PHE B 224 17.35 -12.79 2.31
C PHE B 224 17.26 -12.46 0.84
N GLY B 225 17.79 -11.30 0.44
CA GLY B 225 17.99 -10.97 -0.97
C GLY B 225 16.96 -10.01 -1.56
N GLU B 226 16.95 -9.88 -2.89
CA GLU B 226 16.02 -9.03 -3.60
C GLU B 226 14.56 -9.54 -3.50
N PRO B 227 13.57 -8.68 -3.78
CA PRO B 227 12.19 -9.11 -3.49
C PRO B 227 11.64 -10.22 -4.41
N LYS B 228 10.48 -10.74 -4.01
CA LYS B 228 9.73 -11.69 -4.81
C LYS B 228 8.31 -11.11 -5.03
N SER B 229 7.88 -10.93 -6.28
CA SER B 229 6.56 -10.36 -6.55
C SER B 229 5.53 -11.42 -6.93
N TRP B 230 4.30 -11.19 -6.47
CA TRP B 230 3.23 -12.18 -6.55
C TRP B 230 1.99 -11.64 -7.27
N TYR B 231 1.33 -12.50 -8.03
CA TYR B 231 -0.03 -12.24 -8.49
C TYR B 231 -0.95 -13.27 -7.89
N SER B 232 -2.17 -12.88 -7.57
CA SER B 232 -3.12 -13.78 -6.96
C SER B 232 -4.51 -13.58 -7.55
N VAL B 233 -5.23 -14.69 -7.72
CA VAL B 233 -6.64 -14.66 -8.11
C VAL B 233 -7.52 -15.23 -6.98
N PRO B 234 -8.53 -14.46 -6.54
CA PRO B 234 -9.42 -14.95 -5.47
C PRO B 234 -9.99 -16.33 -5.76
N PRO B 235 -10.02 -17.19 -4.74
CA PRO B 235 -10.57 -18.53 -4.88
C PRO B 235 -11.99 -18.50 -5.45
N GLU B 236 -12.81 -17.53 -5.05
CA GLU B 236 -14.17 -17.46 -5.60
C GLU B 236 -14.20 -17.14 -7.09
N HIS B 237 -13.06 -16.76 -7.65
CA HIS B 237 -12.99 -16.57 -9.10
C HIS B 237 -12.04 -17.54 -9.79
N GLY B 238 -11.54 -18.51 -9.04
CA GLY B 238 -10.63 -19.50 -9.60
C GLY B 238 -11.11 -20.23 -10.85
N LYS B 239 -12.38 -20.66 -10.87
CA LYS B 239 -12.90 -21.43 -12.01
C LYS B 239 -12.83 -20.60 -13.27
N ARG B 240 -12.91 -19.28 -13.12
CA ARG B 240 -12.88 -18.41 -14.27
C ARG B 240 -11.49 -18.39 -14.90
N LEU B 241 -10.46 -18.37 -14.05
CA LEU B 241 -9.10 -18.46 -14.56
C LEU B 241 -8.89 -19.78 -15.30
N GLU B 242 -9.37 -20.89 -14.71
CA GLU B 242 -9.25 -22.20 -15.37
C GLU B 242 -9.94 -22.24 -16.72
N ARG B 243 -11.14 -21.65 -16.80
CA ARG B 243 -11.85 -21.58 -18.08
C ARG B 243 -11.04 -20.78 -19.10
N LEU B 244 -10.45 -19.68 -18.64
CA LEU B 244 -9.59 -18.91 -19.50
C LEU B 244 -8.42 -19.75 -20.01
N ALA B 245 -7.73 -20.44 -19.10
CA ALA B 245 -6.55 -21.22 -19.50
C ALA B 245 -6.93 -22.38 -20.42
N LYS B 246 -8.01 -23.09 -20.09
CA LYS B 246 -8.51 -24.19 -20.94
C LYS B 246 -8.83 -23.66 -22.34
N GLY B 247 -9.38 -22.45 -22.42
CA GLY B 247 -9.71 -21.88 -23.73
C GLY B 247 -8.49 -21.60 -24.59
N PHE B 248 -7.41 -21.16 -23.97
CA PHE B 248 -6.19 -20.82 -24.69
C PHE B 248 -5.25 -22.00 -24.93
N PHE B 249 -5.41 -23.06 -24.14
CA PHE B 249 -4.57 -24.25 -24.31
C PHE B 249 -5.44 -25.50 -24.41
N PRO B 250 -6.23 -25.61 -25.48
CA PRO B 250 -7.22 -26.69 -25.61
C PRO B 250 -6.59 -28.08 -25.64
N GLY B 251 -5.43 -28.18 -26.29
CA GLY B 251 -4.70 -29.44 -26.37
C GLY B 251 -4.23 -29.91 -25.02
N SER B 252 -3.64 -29.00 -24.23
CA SER B 252 -3.20 -29.34 -22.87
C SER B 252 -4.38 -29.73 -22.00
N ALA B 253 -5.50 -29.03 -22.17
CA ALA B 253 -6.71 -29.28 -21.40
C ALA B 253 -7.24 -30.68 -21.71
N GLN B 254 -7.21 -31.03 -22.99
CA GLN B 254 -7.68 -32.35 -23.44
C GLN B 254 -6.86 -33.49 -22.82
N SER B 255 -5.56 -33.26 -22.60
CA SER B 255 -4.69 -34.33 -22.11
C SER B 255 -4.64 -34.43 -20.59
N CYS B 256 -5.12 -33.41 -19.89
CA CYS B 256 -5.11 -33.47 -18.42
C CYS B 256 -6.20 -32.60 -17.83
N GLU B 257 -6.91 -33.15 -16.84
CA GLU B 257 -8.04 -32.48 -16.20
C GLU B 257 -7.59 -31.27 -15.40
N ALA B 258 -6.31 -31.25 -15.04
CA ALA B 258 -5.75 -30.19 -14.21
C ALA B 258 -4.35 -29.79 -14.67
N PHE B 259 -4.22 -29.41 -15.94
CA PHE B 259 -2.90 -29.18 -16.52
C PHE B 259 -2.15 -27.99 -15.88
N LEU B 260 -2.87 -27.04 -15.27
CA LEU B 260 -2.18 -25.91 -14.61
C LEU B 260 -1.30 -26.40 -13.48
N ARG B 261 -1.57 -27.61 -12.98
CA ARG B 261 -0.75 -28.21 -11.91
C ARG B 261 0.63 -28.59 -12.43
N HIS B 262 0.80 -28.61 -13.75
CA HIS B 262 2.13 -28.81 -14.34
C HIS B 262 3.06 -27.63 -14.07
N LYS B 263 2.47 -26.49 -13.67
CA LYS B 263 3.26 -25.30 -13.39
C LYS B 263 4.09 -24.85 -14.58
N MET B 264 3.51 -24.87 -15.77
CA MET B 264 4.20 -24.40 -16.96
C MET B 264 3.54 -23.19 -17.62
N THR B 265 2.41 -22.74 -17.08
CA THR B 265 1.60 -21.74 -17.76
C THR B 265 1.74 -20.35 -17.16
N LEU B 266 2.22 -19.40 -17.98
CA LEU B 266 2.41 -18.02 -17.55
C LEU B 266 1.41 -17.10 -18.24
N ILE B 267 0.75 -16.25 -17.47
CA ILE B 267 -0.30 -15.37 -18.00
C ILE B 267 -0.15 -14.00 -17.39
N SER B 268 0.10 -13.00 -18.23
CA SER B 268 0.34 -11.64 -17.78
C SER B 268 -0.90 -10.96 -17.18
N PRO B 269 -0.68 -9.96 -16.31
CA PRO B 269 -1.78 -9.21 -15.71
C PRO B 269 -2.61 -8.45 -16.75
N LEU B 270 -1.98 -8.03 -17.85
CA LEU B 270 -2.72 -7.38 -18.93
C LEU B 270 -3.72 -8.34 -19.57
N MET B 271 -3.33 -9.60 -19.74
CA MET B 271 -4.28 -10.59 -20.27
C MET B 271 -5.40 -10.84 -19.25
N LEU B 272 -5.05 -10.95 -17.96
CA LEU B 272 -6.09 -11.14 -16.95
C LEU B 272 -7.11 -9.98 -16.99
N LYS B 273 -6.62 -8.75 -17.13
CA LYS B 273 -7.50 -7.59 -17.15
C LYS B 273 -8.42 -7.67 -18.36
N LYS B 274 -7.85 -7.92 -19.52
CA LYS B 274 -8.61 -8.01 -20.77
C LYS B 274 -9.80 -8.97 -20.72
N TYR B 275 -9.68 -10.06 -19.97
CA TYR B 275 -10.75 -11.05 -19.98
C TYR B 275 -11.58 -10.98 -18.71
N GLY B 276 -11.44 -9.87 -18.00
CA GLY B 276 -12.19 -9.66 -16.79
C GLY B 276 -11.93 -10.65 -15.66
N ILE B 277 -10.73 -11.24 -15.59
CA ILE B 277 -10.36 -12.03 -14.41
C ILE B 277 -9.81 -11.12 -13.31
N PRO B 278 -10.50 -11.08 -12.17
CA PRO B 278 -10.05 -10.23 -11.06
C PRO B 278 -8.78 -10.78 -10.44
N PHE B 279 -7.86 -9.89 -10.05
CA PHE B 279 -6.62 -10.31 -9.45
C PHE B 279 -6.03 -9.16 -8.65
N ASP B 280 -5.02 -9.46 -7.84
CA ASP B 280 -4.30 -8.43 -7.14
C ASP B 280 -2.80 -8.75 -7.23
N LYS B 281 -1.94 -7.75 -6.94
CA LYS B 281 -0.47 -7.86 -6.95
C LYS B 281 0.07 -7.52 -5.57
N VAL B 282 1.24 -8.06 -5.24
CA VAL B 282 1.91 -7.70 -3.99
C VAL B 282 3.37 -8.10 -4.11
N THR B 283 4.26 -7.31 -3.51
CA THR B 283 5.69 -7.61 -3.54
C THR B 283 6.13 -8.00 -2.12
N GLN B 284 6.89 -9.09 -2.04
CA GLN B 284 7.34 -9.67 -0.77
C GLN B 284 8.80 -9.26 -0.57
N GLU B 285 9.09 -8.68 0.58
CA GLU B 285 10.44 -8.26 0.93
C GLU B 285 11.11 -9.23 1.87
N ALA B 286 12.44 -9.20 1.89
CA ALA B 286 13.22 -10.03 2.81
C ALA B 286 12.72 -9.88 4.24
N GLY B 287 12.51 -11.02 4.90
CA GLY B 287 12.02 -11.03 6.26
C GLY B 287 10.53 -11.09 6.35
N GLU B 288 9.85 -11.29 5.21
CA GLU B 288 8.39 -11.31 5.20
C GLU B 288 7.81 -12.67 4.80
N PHE B 289 6.65 -12.98 5.39
CA PHE B 289 5.91 -14.20 5.07
C PHE B 289 4.77 -13.91 4.09
N MET B 290 4.59 -14.82 3.12
CA MET B 290 3.37 -14.89 2.33
C MET B 290 2.65 -16.21 2.67
N ILE B 291 1.34 -16.12 2.84
CA ILE B 291 0.47 -17.26 3.02
C ILE B 291 -0.43 -17.37 1.80
N THR B 292 -0.52 -18.57 1.21
CA THR B 292 -1.51 -18.79 0.17
C THR B 292 -2.61 -19.68 0.73
N PHE B 293 -3.83 -19.49 0.24
CA PHE B 293 -4.99 -20.15 0.82
C PHE B 293 -5.54 -21.19 -0.14
N PRO B 294 -6.35 -22.12 0.37
CA PRO B 294 -6.91 -23.18 -0.49
C PRO B 294 -7.59 -22.64 -1.73
N TYR B 295 -7.22 -23.20 -2.86
CA TYR B 295 -7.75 -22.86 -4.18
C TYR B 295 -7.43 -21.40 -4.57
N GLY B 296 -6.42 -20.83 -3.94
CA GLY B 296 -5.93 -19.53 -4.36
C GLY B 296 -4.87 -19.68 -5.44
N TYR B 297 -5.19 -19.32 -6.68
CA TYR B 297 -4.21 -19.34 -7.77
C TYR B 297 -3.18 -18.26 -7.59
N HIS B 298 -1.92 -18.61 -7.79
CA HIS B 298 -0.88 -17.59 -7.70
C HIS B 298 0.26 -17.86 -8.64
N ALA B 299 1.03 -16.80 -8.85
CA ALA B 299 2.16 -16.81 -9.76
C ALA B 299 3.02 -15.58 -9.44
N GLY B 300 4.25 -15.56 -9.94
CA GLY B 300 5.09 -14.39 -9.72
C GLY B 300 6.50 -14.54 -10.27
N PHE B 301 7.41 -13.71 -9.76
CA PHE B 301 8.81 -13.74 -10.20
C PHE B 301 9.77 -13.13 -9.18
N ASN B 302 11.05 -13.43 -9.32
CA ASN B 302 12.05 -12.87 -8.42
C ASN B 302 12.71 -11.65 -9.01
N HIS B 303 13.05 -10.69 -8.16
CA HIS B 303 13.68 -9.44 -8.63
C HIS B 303 15.17 -9.62 -8.84
N GLY B 304 15.76 -10.52 -8.08
CA GLY B 304 17.20 -10.72 -8.11
C GLY B 304 17.59 -11.85 -7.18
N PHE B 305 18.86 -11.91 -6.83
CA PHE B 305 19.32 -13.00 -6.01
C PHE B 305 18.62 -13.00 -4.66
N ASN B 306 18.01 -14.12 -4.30
CA ASN B 306 17.33 -14.24 -3.02
C ASN B 306 17.16 -15.68 -2.65
N CYS B 307 16.57 -15.92 -1.47
CA CYS B 307 16.34 -17.27 -1.02
C CYS B 307 15.09 -17.32 -0.20
N ALA B 308 14.24 -18.27 -0.54
CA ALA B 308 12.93 -18.40 0.09
C ALA B 308 12.73 -19.84 0.52
N GLU B 309 11.92 -20.05 1.54
CA GLU B 309 11.63 -21.37 2.09
C GLU B 309 10.14 -21.56 2.18
N SER B 310 9.65 -22.73 1.81
CA SER B 310 8.20 -22.93 1.85
C SER B 310 7.82 -24.37 2.11
N THR B 311 6.57 -24.54 2.55
CA THR B 311 5.96 -25.85 2.73
C THR B 311 4.44 -25.72 2.70
N ASN B 312 3.72 -26.84 2.69
CA ASN B 312 2.26 -26.80 2.80
C ASN B 312 1.79 -26.98 4.22
N PHE B 313 0.53 -26.63 4.48
CA PHE B 313 -0.08 -26.87 5.77
C PHE B 313 -1.58 -26.86 5.63
N ALA B 314 -2.28 -27.13 6.72
CA ALA B 314 -3.72 -27.28 6.64
C ALA B 314 -4.43 -26.68 7.85
N THR B 315 -5.71 -26.38 7.67
CA THR B 315 -6.61 -26.10 8.77
C THR B 315 -7.84 -27.00 8.58
N ARG B 316 -8.83 -26.90 9.47
CA ARG B 316 -10.05 -27.68 9.31
C ARG B 316 -10.83 -27.30 8.05
N ARG B 317 -10.78 -26.03 7.68
CA ARG B 317 -11.48 -25.54 6.49
C ARG B 317 -10.94 -26.22 5.23
N TRP B 318 -9.64 -26.54 5.23
CA TRP B 318 -9.01 -27.17 4.05
C TRP B 318 -9.60 -28.52 3.63
N ILE B 319 -10.09 -29.28 4.61
CA ILE B 319 -10.49 -30.67 4.38
C ILE B 319 -11.47 -30.83 3.22
N GLU B 320 -12.48 -29.96 3.21
CA GLU B 320 -13.46 -29.98 2.16
C GLU B 320 -12.81 -29.70 0.81
N TYR B 321 -11.86 -28.78 0.79
CA TYR B 321 -11.13 -28.51 -0.45
C TYR B 321 -10.36 -29.75 -0.90
N GLY B 322 -9.69 -30.38 0.06
CA GLY B 322 -8.95 -31.61 -0.22
C GLY B 322 -9.82 -32.65 -0.85
N LYS B 323 -11.04 -32.77 -0.32
CA LYS B 323 -12.02 -33.77 -0.75
C LYS B 323 -12.45 -33.55 -2.20
N GLN B 324 -12.45 -32.28 -2.63
CA GLN B 324 -12.98 -31.93 -3.94
C GLN B 324 -11.91 -31.55 -4.96
N ALA B 325 -10.64 -31.62 -4.58
CA ALA B 325 -9.57 -31.13 -5.45
C ALA B 325 -9.49 -31.94 -6.74
N VAL B 326 -9.43 -31.25 -7.88
CA VAL B 326 -9.24 -31.93 -9.15
C VAL B 326 -7.75 -32.16 -9.41
N LEU B 327 -7.35 -33.42 -9.60
CA LEU B 327 -5.94 -33.76 -9.65
C LEU B 327 -5.42 -33.99 -11.06
N CYS B 328 -4.11 -33.84 -11.19
CA CYS B 328 -3.42 -34.12 -12.44
C CYS B 328 -3.57 -35.61 -12.80
N SER B 329 -4.14 -35.89 -13.96
CA SER B 329 -4.43 -37.27 -14.34
C SER B 329 -3.42 -37.88 -15.32
N CYS B 330 -2.40 -37.12 -15.74
CA CYS B 330 -1.48 -37.64 -16.75
C CYS B 330 -0.07 -37.98 -16.24
N ARG B 331 0.14 -37.94 -14.93
CA ARG B 331 1.43 -38.34 -14.37
C ARG B 331 1.28 -39.27 -13.16
N LYS B 332 2.17 -40.26 -13.10
CA LYS B 332 2.21 -41.24 -12.02
C LYS B 332 2.82 -40.68 -10.72
N ASP B 333 3.74 -39.74 -10.89
CA ASP B 333 4.51 -39.18 -9.80
C ASP B 333 3.79 -37.98 -9.12
N MET B 334 2.47 -37.92 -9.21
CA MET B 334 1.73 -36.77 -8.68
C MET B 334 1.20 -36.95 -7.25
N VAL B 335 1.12 -35.82 -6.56
CA VAL B 335 0.76 -35.77 -5.16
C VAL B 335 -0.72 -36.01 -4.97
N LYS B 336 -1.03 -37.16 -4.40
CA LYS B 336 -2.39 -37.52 -4.08
C LYS B 336 -2.42 -37.91 -2.61
N ILE B 337 -3.18 -37.15 -1.83
CA ILE B 337 -3.24 -37.44 -0.40
C ILE B 337 -4.56 -38.12 -0.09
N SER B 338 -4.49 -39.22 0.65
CA SER B 338 -5.69 -39.93 1.09
C SER B 338 -6.44 -39.07 2.09
N MET B 339 -7.68 -38.73 1.75
CA MET B 339 -8.51 -37.87 2.60
C MET B 339 -9.21 -38.60 3.75
N ASP B 340 -9.07 -39.93 3.77
CA ASP B 340 -9.86 -40.78 4.64
C ASP B 340 -9.70 -40.45 6.12
N VAL B 341 -8.46 -40.35 6.58
CA VAL B 341 -8.18 -40.04 7.97
C VAL B 341 -8.75 -38.67 8.38
N PHE B 342 -8.82 -37.71 7.46
CA PHE B 342 -9.34 -36.37 7.83
C PHE B 342 -10.83 -36.41 8.01
N VAL B 343 -11.51 -37.08 7.08
CA VAL B 343 -12.94 -37.17 7.12
C VAL B 343 -13.33 -37.93 8.38
N ARG B 344 -12.67 -39.06 8.61
CA ARG B 344 -12.93 -39.93 9.75
C ARG B 344 -12.81 -39.17 11.07
N LYS B 345 -11.75 -38.40 11.23
CA LYS B 345 -11.48 -37.72 12.50
C LYS B 345 -12.23 -36.38 12.70
N PHE B 346 -12.49 -35.64 11.62
CA PHE B 346 -13.10 -34.31 11.78
C PHE B 346 -14.50 -34.20 11.19
N GLN B 347 -14.88 -35.13 10.34
CA GLN B 347 -16.29 -35.18 9.89
C GLN B 347 -16.91 -36.57 10.11
N PRO B 348 -16.88 -37.09 11.35
CA PRO B 348 -17.34 -38.47 11.58
C PRO B 348 -18.79 -38.67 11.15
N GLU B 349 -19.61 -37.65 11.30
CA GLU B 349 -21.02 -37.75 10.94
C GLU B 349 -21.23 -37.76 9.42
N ARG B 350 -20.20 -37.48 8.66
CA ARG B 350 -20.35 -37.49 7.21
C ARG B 350 -19.54 -38.60 6.52
N TYR B 351 -18.77 -39.33 7.31
CA TYR B 351 -17.84 -40.33 6.76
C TYR B 351 -18.53 -41.44 5.97
N LYS B 352 -19.55 -42.03 6.56
CA LYS B 352 -20.30 -43.08 5.88
C LYS B 352 -20.86 -42.59 4.54
N LEU B 353 -21.44 -41.39 4.54
CA LEU B 353 -21.98 -40.77 3.33
C LEU B 353 -20.88 -40.53 2.30
N TRP B 354 -19.78 -39.94 2.75
CA TRP B 354 -18.66 -39.62 1.88
C TRP B 354 -18.09 -40.88 1.24
N LYS B 355 -17.91 -41.93 2.04
CA LYS B 355 -17.37 -43.19 1.52
C LYS B 355 -18.27 -43.79 0.44
N ALA B 356 -19.55 -43.48 0.50
CA ALA B 356 -20.48 -44.00 -0.48
C ALA B 356 -20.66 -43.04 -1.66
N GLY B 357 -19.73 -42.09 -1.80
CA GLY B 357 -19.77 -41.12 -2.88
C GLY B 357 -21.04 -40.28 -2.95
N LYS B 358 -21.67 -40.05 -1.80
CA LYS B 358 -22.92 -39.29 -1.76
C LYS B 358 -22.82 -37.99 -0.94
N ASP B 359 -21.61 -37.54 -0.64
CA ASP B 359 -21.40 -36.28 0.07
C ASP B 359 -21.33 -35.10 -0.91
N ASN B 360 -22.43 -34.37 -1.04
CA ASN B 360 -22.50 -33.26 -2.00
C ASN B 360 -22.40 -31.88 -1.34
N THR B 361 -21.55 -31.76 -0.32
CA THR B 361 -21.23 -30.47 0.27
C THR B 361 -20.69 -29.51 -0.79
N VAL B 362 -21.16 -28.27 -0.76
CA VAL B 362 -20.72 -27.21 -1.67
C VAL B 362 -19.84 -26.24 -0.91
N ILE B 363 -18.70 -25.88 -1.50
CA ILE B 363 -17.79 -24.97 -0.79
C ILE B 363 -18.17 -23.50 -0.99
N ASP B 364 -18.24 -22.77 0.11
CA ASP B 364 -18.38 -21.32 0.10
C ASP B 364 -17.04 -20.69 0.47
N HIS B 365 -16.37 -20.11 -0.53
CA HIS B 365 -15.02 -19.60 -0.40
C HIS B 365 -14.89 -18.37 0.50
N THR B 366 -16.01 -17.78 0.90
CA THR B 366 -15.95 -16.58 1.73
C THR B 366 -15.87 -16.91 3.23
N LEU B 367 -16.30 -18.12 3.61
CA LEU B 367 -16.33 -18.48 5.03
C LEU B 367 -14.94 -18.67 5.63
N PRO B 368 -14.74 -18.18 6.86
CA PRO B 368 -13.49 -18.39 7.60
C PRO B 368 -13.44 -19.82 8.17
N THR B 369 -12.25 -20.30 8.48
CA THR B 369 -12.12 -21.63 9.07
C THR B 369 -12.88 -21.62 10.40
N PRO B 370 -13.48 -22.76 10.79
CA PRO B 370 -14.25 -22.84 12.04
C PRO B 370 -13.47 -22.33 13.27
N GLU B 371 -12.15 -22.53 13.28
CA GLU B 371 -11.30 -22.10 14.38
C GLU B 371 -11.33 -20.59 14.61
N ALA B 372 -11.89 -19.83 13.66
CA ALA B 372 -12.00 -18.38 13.77
C ALA B 372 -13.29 -17.92 14.46
N ALA B 373 -14.04 -18.88 15.00
CA ALA B 373 -15.25 -18.55 15.74
C ALA B 373 -14.91 -17.73 16.97
N GLU B 374 -13.71 -17.96 17.51
CA GLU B 374 -13.24 -17.35 18.75
C GLU B 374 -13.11 -15.81 18.64
N PHE B 375 -12.89 -15.32 17.43
CA PHE B 375 -12.76 -13.90 17.18
C PHE B 375 -14.04 -13.27 16.64
NI NI C . -4.22 20.32 2.20
ZN ZN D . -16.76 15.64 -7.48
OXT FUM E . -3.10 22.06 4.88
C FUM E . -4.25 21.55 5.08
O FUM E . -4.62 20.49 4.50
C4 FUM E . -5.20 22.26 6.01
C5 FUM E . -5.47 21.42 7.21
C6 FUM E . -6.17 22.26 8.24
O7 FUM E . -5.50 23.06 8.94
O8 FUM E . -7.41 22.13 8.37
C1 EDO F . -16.61 9.11 0.77
O1 EDO F . -16.48 8.95 2.19
C2 EDO F . -17.96 9.73 0.41
O2 EDO F . -17.73 10.73 -0.59
C1 EDO G . -5.93 25.60 -20.57
O1 EDO G . -7.22 26.20 -20.34
C2 EDO G . -5.46 24.85 -19.32
O2 EDO G . -6.42 23.89 -18.91
C1 EDO H . -25.65 27.64 15.29
O1 EDO H . -26.01 28.35 16.48
C2 EDO H . -26.89 27.10 14.60
O2 EDO H . -27.24 27.96 13.51
C1 EDO I . -7.36 15.43 -4.42
O1 EDO I . -8.29 15.17 -3.37
C2 EDO I . -6.78 14.19 -5.09
O2 EDO I . -7.72 13.38 -5.82
C1 EDO J . -0.70 -4.34 -0.77
O1 EDO J . 0.46 -4.49 0.06
C2 EDO J . -0.37 -4.93 -2.14
O2 EDO J . -1.46 -5.68 -2.64
S SO4 K . -20.29 4.71 -1.56
O1 SO4 K . -20.03 4.41 -0.14
O2 SO4 K . -19.21 5.55 -2.09
O3 SO4 K . -20.35 3.48 -2.35
O4 SO4 K . -21.56 5.44 -1.66
NI NI L . 2.61 -22.28 -4.57
ZN ZN M . -1.30 -33.66 -15.72
OXT FUM N . 9.35 -19.19 -4.43
C FUM N . 8.79 -19.97 -5.27
O FUM N . 9.24 -20.09 -6.44
C4 FUM N . 7.57 -20.77 -4.85
C5 FUM N . 6.42 -19.80 -4.71
C6 FUM N . 5.18 -20.46 -4.17
O7 FUM N . 4.95 -20.41 -2.93
O8 FUM N . 4.40 -21.04 -4.96
C1 EDO O . 4.20 -15.82 -13.33
O1 EDO O . 5.37 -15.18 -13.80
C2 EDO O . 3.01 -15.25 -14.08
O2 EDO O . 2.36 -16.27 -14.85
C1 EDO P . 1.41 -24.89 -20.60
O1 EDO P . 0.87 -23.67 -21.17
C2 EDO P . 0.89 -26.12 -21.34
O2 EDO P . 1.28 -27.28 -20.58
C1 EDO Q . 23.85 -13.45 1.72
O1 EDO Q . 24.20 -14.29 2.83
C2 EDO Q . 24.54 -14.01 0.49
O2 EDO Q . 24.39 -15.44 0.50
S SO4 R . -2.13 -26.51 -26.71
O1 SO4 R . -2.46 -27.13 -25.43
O2 SO4 R . -1.12 -25.46 -26.52
O3 SO4 R . -1.61 -27.53 -27.62
O4 SO4 R . -3.34 -25.91 -27.29
#